data_1U2D
#
_entry.id   1U2D
#
_cell.length_a   72.249
_cell.length_b   74.546
_cell.length_c   204.163
_cell.angle_alpha   90.00
_cell.angle_beta   90.00
_cell.angle_gamma   90.00
#
_symmetry.space_group_name_H-M   'P 21 21 21'
#
loop_
_entity.id
_entity.type
_entity.pdbx_description
1 polymer 'NAD(P) transhydrogenase subunit alpha part 1'
2 polymer 'NAD(P) transhydrogenase subunit beta'
3 non-polymer NICOTINAMIDE-ADENINE-DINUCLEOTIDE
4 non-polymer GLYCEROL
5 non-polymer 'NADPH DIHYDRO-NICOTINAMIDE-ADENINE-DINUCLEOTIDE PHOSPHATE'
6 water water
#
loop_
_entity_poly.entity_id
_entity_poly.type
_entity_poly.pdbx_seq_one_letter_code
_entity_poly.pdbx_strand_id
1 'polypeptide(L)'
;MKIAIPKERRPGEDRVAISPEVVKKLVGLGFEVIVEQGAGVGASITDDALTAAGATIASTAAQALSQADVVWKVQRPMTA
EEGTDEVALIKEGAVLMCHLGALTNRPVVEALTKRKITAYAMELMPRISRAQSMDILSSQSNLAGYRAVIDGAYEFARAF
PMMMTAAGTVPPARVLVFGVGVAGLQAIATAKRLGAVVMATDVRAATKEQVESLGGKFITVDDEAMKTAETAGGYAKEMG
EEFRKKQAEAVLKELVKTDIAITTALIPGKPAPVLITEEMVTKMKPGSVIIDLAVEAGGNCPLSEPGKIVVKHGVKIVGH
TNVPSRVAADASPLFAKNLLNFLTPHVDKDTKTLVMKLEDETVSGTCVTRDGAIVHPALTGQGA
;
A,B
2 'polypeptide(L)'
;MNRSIFNVILGGFGSEGGVAAAGGAAGDRSVKAGSAEDAAFIMKNASKVIIVPGYGMAVAQAQHALREMADVLKKEGVEV
SYAIHPVAGRMPGHMNVLLAEANVPYDEVFELEEINSSFQTADVAFVIGANDVTNPAAKTDPSSPIYGMPILDVEKAGTV
LFIKRSMASGYAGVENELFFRNNTMMLFGDAKKMTEQIVQAMN
;
C
#
loop_
_chem_comp.id
_chem_comp.type
_chem_comp.name
_chem_comp.formula
GOL non-polymer GLYCEROL 'C3 H8 O3'
NAD non-polymer NICOTINAMIDE-ADENINE-DINUCLEOTIDE 'C21 H27 N7 O14 P2'
NDP non-polymer 'NADPH DIHYDRO-NICOTINAMIDE-ADENINE-DINUCLEOTIDE PHOSPHATE' 'C21 H30 N7 O17 P3'
#
# COMPACT_ATOMS: atom_id res chain seq x y z
N MET A 1 -6.48 44.63 -17.55
CA MET A 1 -7.39 43.43 -17.59
C MET A 1 -7.28 42.64 -16.28
N LYS A 2 -8.41 42.10 -15.83
CA LYS A 2 -8.47 41.44 -14.52
C LYS A 2 -9.04 40.03 -14.60
N ILE A 3 -8.28 39.06 -14.13
CA ILE A 3 -8.75 37.68 -14.01
C ILE A 3 -8.92 37.33 -12.53
N ALA A 4 -9.93 36.52 -12.22
CA ALA A 4 -10.30 36.24 -10.83
C ALA A 4 -10.70 34.79 -10.58
N ILE A 5 -10.38 34.31 -9.37
CA ILE A 5 -10.65 32.92 -8.99
C ILE A 5 -11.23 32.88 -7.57
N PRO A 6 -12.48 32.40 -7.43
CA PRO A 6 -13.07 32.27 -6.10
C PRO A 6 -12.78 30.91 -5.45
N LYS A 7 -13.11 30.78 -4.17
CA LYS A 7 -13.11 29.47 -3.50
C LYS A 7 -14.29 28.68 -4.02
N GLU A 8 -14.14 27.37 -4.13
CA GLU A 8 -15.25 26.50 -4.53
C GLU A 8 -16.22 26.32 -3.36
N ARG A 9 -17.49 26.63 -3.60
CA ARG A 9 -18.52 26.64 -2.56
C ARG A 9 -19.30 25.32 -2.48
N ARG A 10 -19.24 24.51 -3.53
CA ARG A 10 -20.00 23.26 -3.58
C ARG A 10 -19.45 22.27 -2.56
N PRO A 11 -20.32 21.41 -2.00
CA PRO A 11 -19.90 20.51 -0.92
C PRO A 11 -18.81 19.54 -1.35
N GLY A 12 -17.74 19.49 -0.56
CA GLY A 12 -16.64 18.55 -0.79
C GLY A 12 -15.75 18.87 -1.98
N GLU A 13 -15.77 20.11 -2.46
CA GLU A 13 -14.93 20.51 -3.58
C GLU A 13 -13.74 21.29 -3.07
N ASP A 14 -12.62 20.59 -2.87
CA ASP A 14 -11.40 21.17 -2.30
C ASP A 14 -10.44 21.68 -3.38
N ARG A 15 -10.84 21.60 -4.65
CA ARG A 15 -10.00 22.07 -5.75
C ARG A 15 -10.10 23.57 -5.90
N VAL A 16 -9.12 24.13 -6.63
CA VAL A 16 -9.08 25.56 -6.95
C VAL A 16 -8.50 25.71 -8.35
N ALA A 17 -9.05 26.63 -9.13
CA ALA A 17 -8.61 26.83 -10.51
C ALA A 17 -7.43 27.82 -10.60
N ILE A 18 -6.39 27.56 -9.80
CA ILE A 18 -5.20 28.41 -9.82
C ILE A 18 -4.02 27.72 -9.15
N SER A 19 -2.81 28.14 -9.52
CA SER A 19 -1.59 27.79 -8.79
C SER A 19 -0.59 28.94 -8.89
N PRO A 20 0.32 29.06 -7.91
CA PRO A 20 1.39 30.07 -7.97
C PRO A 20 2.08 30.14 -9.33
N GLU A 21 2.43 28.99 -9.90
CA GLU A 21 3.06 28.92 -11.22
C GLU A 21 2.17 29.54 -12.29
N VAL A 22 0.90 29.17 -12.29
CA VAL A 22 -0.05 29.64 -13.30
C VAL A 22 -0.37 31.13 -13.13
N VAL A 23 -0.26 31.66 -11.92
CA VAL A 23 -0.41 33.10 -11.69
C VAL A 23 0.75 33.85 -12.34
N LYS A 24 1.97 33.35 -12.14
CA LYS A 24 3.17 33.94 -12.75
C LYS A 24 2.98 34.21 -14.24
N LYS A 25 2.51 33.19 -14.97
CA LYS A 25 2.30 33.32 -16.42
C LYS A 25 1.13 34.25 -16.76
N LEU A 26 0.09 34.25 -15.94
CA LEU A 26 -1.06 35.13 -16.15
C LEU A 26 -0.67 36.62 -16.07
N VAL A 27 0.22 36.95 -15.13
CA VAL A 27 0.74 38.31 -15.00
C VAL A 27 1.61 38.65 -16.21
N GLY A 28 2.36 37.67 -16.70
CA GLY A 28 3.17 37.82 -17.91
C GLY A 28 2.38 38.02 -19.20
N LEU A 29 1.08 37.71 -19.15
CA LEU A 29 0.18 37.93 -20.28
C LEU A 29 -0.54 39.29 -20.17
N GLY A 30 -0.42 39.94 -19.03
CA GLY A 30 -1.00 41.27 -18.80
C GLY A 30 -2.34 41.23 -18.08
N PHE A 31 -2.42 40.40 -17.03
CA PHE A 31 -3.61 40.32 -16.18
C PHE A 31 -3.28 40.74 -14.75
N GLU A 32 -4.28 41.28 -14.05
CA GLU A 32 -4.22 41.40 -12.59
C GLU A 32 -4.97 40.19 -12.06
N VAL A 33 -4.29 39.36 -11.28
CA VAL A 33 -4.90 38.16 -10.72
C VAL A 33 -5.39 38.45 -9.31
N ILE A 34 -6.70 38.34 -9.10
CA ILE A 34 -7.30 38.41 -7.77
C ILE A 34 -7.79 37.02 -7.43
N VAL A 35 -7.55 36.59 -6.19
CA VAL A 35 -8.00 35.28 -5.71
C VAL A 35 -8.73 35.48 -4.39
N GLU A 36 -9.81 34.72 -4.17
CA GLU A 36 -10.57 34.82 -2.93
C GLU A 36 -9.72 34.33 -1.76
N GLN A 37 -9.96 34.90 -0.59
CA GLN A 37 -9.28 34.49 0.64
C GLN A 37 -9.57 33.02 0.93
N GLY A 38 -8.51 32.26 1.18
CA GLY A 38 -8.62 30.83 1.46
C GLY A 38 -9.21 30.01 0.32
N ALA A 39 -9.00 30.48 -0.91
CA ALA A 39 -9.52 29.78 -2.10
C ALA A 39 -8.86 28.43 -2.32
N GLY A 40 -7.57 28.31 -1.95
CA GLY A 40 -6.80 27.10 -2.18
C GLY A 40 -6.29 26.42 -0.91
N VAL A 41 -7.06 26.51 0.17
CA VAL A 41 -6.69 25.84 1.43
C VAL A 41 -6.76 24.32 1.26
N GLY A 42 -7.78 23.84 0.56
CA GLY A 42 -7.96 22.41 0.32
C GLY A 42 -6.94 21.79 -0.62
N ALA A 43 -6.24 22.62 -1.38
CA ALA A 43 -5.20 22.16 -2.31
C ALA A 43 -3.79 22.44 -1.80
N SER A 44 -3.68 22.82 -0.51
CA SER A 44 -2.41 23.22 0.09
C SER A 44 -1.72 24.36 -0.67
N ILE A 45 -2.53 25.27 -1.22
CA ILE A 45 -2.06 26.47 -1.90
C ILE A 45 -2.39 27.68 -1.01
N THR A 46 -1.35 28.30 -0.48
CA THR A 46 -1.51 29.35 0.52
C THR A 46 -1.80 30.71 -0.11
N ASP A 47 -2.41 31.59 0.68
CA ASP A 47 -2.63 32.98 0.28
C ASP A 47 -1.28 33.66 0.00
N ASP A 48 -0.36 33.53 0.95
CA ASP A 48 1.01 34.05 0.83
C ASP A 48 1.69 33.73 -0.50
N ALA A 49 1.57 32.48 -0.93
CA ALA A 49 2.22 32.00 -2.16
C ALA A 49 1.59 32.55 -3.44
N LEU A 50 0.27 32.69 -3.44
CA LEU A 50 -0.43 33.36 -4.54
C LEU A 50 0.01 34.80 -4.66
N THR A 51 0.07 35.50 -3.53
CA THR A 51 0.54 36.90 -3.50
C THR A 51 2.01 37.00 -3.90
N ALA A 52 2.81 36.01 -3.46
CA ALA A 52 4.21 35.93 -3.85
C ALA A 52 4.38 35.77 -5.37
N ALA A 53 3.42 35.11 -6.01
CA ALA A 53 3.40 34.96 -7.46
C ALA A 53 2.95 36.23 -8.18
N GLY A 54 2.37 37.18 -7.44
CA GLY A 54 1.97 38.46 -7.98
C GLY A 54 0.47 38.52 -8.19
N ALA A 55 -0.28 38.40 -7.09
CA ALA A 55 -1.73 38.40 -7.14
C ALA A 55 -2.33 39.12 -5.94
N THR A 56 -3.33 39.95 -6.20
CA THR A 56 -4.12 40.59 -5.15
C THR A 56 -4.99 39.51 -4.50
N ILE A 57 -5.49 39.79 -3.30
CA ILE A 57 -6.40 38.88 -2.62
C ILE A 57 -7.65 39.61 -2.12
N ALA A 58 -8.82 39.06 -2.49
CA ALA A 58 -10.10 39.61 -2.08
C ALA A 58 -10.58 38.90 -0.81
N SER A 59 -11.35 39.61 0.01
CA SER A 59 -11.86 39.06 1.26
C SER A 59 -13.04 38.13 1.02
N THR A 60 -13.85 38.44 0.01
CA THR A 60 -15.07 37.69 -0.29
C THR A 60 -15.10 37.27 -1.75
N ALA A 61 -16.09 36.44 -2.10
CA ALA A 61 -16.27 35.98 -3.48
C ALA A 61 -16.71 37.12 -4.40
N ALA A 62 -17.71 37.88 -3.95
CA ALA A 62 -18.24 39.01 -4.70
C ALA A 62 -17.19 40.10 -4.94
N GLN A 63 -16.29 40.25 -3.97
CA GLN A 63 -15.24 41.26 -4.03
C GLN A 63 -14.16 40.89 -5.06
N ALA A 64 -13.91 39.60 -5.22
CA ALA A 64 -12.95 39.11 -6.22
C ALA A 64 -13.50 39.21 -7.64
N LEU A 65 -14.81 39.06 -7.79
CA LEU A 65 -15.47 38.97 -9.10
C LEU A 65 -16.07 40.29 -9.60
N SER A 66 -16.07 41.32 -8.75
CA SER A 66 -16.81 42.57 -9.03
C SER A 66 -16.42 43.26 -10.33
N GLN A 67 -15.13 43.53 -10.51
CA GLN A 67 -14.64 44.12 -11.77
C GLN A 67 -13.69 43.14 -12.46
N ALA A 68 -14.10 41.87 -12.51
CA ALA A 68 -13.30 40.83 -13.13
C ALA A 68 -13.70 40.64 -14.59
N ASP A 69 -12.79 40.98 -15.49
CA ASP A 69 -13.03 40.85 -16.94
C ASP A 69 -13.09 39.39 -17.40
N VAL A 70 -12.39 38.51 -16.67
CA VAL A 70 -12.40 37.06 -16.94
C VAL A 70 -12.36 36.28 -15.62
N VAL A 71 -13.11 35.19 -15.53
CA VAL A 71 -13.24 34.43 -14.27
C VAL A 71 -12.99 32.94 -14.48
N TRP A 72 -12.14 32.37 -13.62
CA TRP A 72 -11.84 30.93 -13.64
C TRP A 72 -12.40 30.23 -12.41
N LYS A 73 -13.28 29.25 -12.63
CA LYS A 73 -13.77 28.36 -11.59
C LYS A 73 -13.40 26.93 -11.92
N VAL A 74 -13.54 26.04 -10.94
CA VAL A 74 -13.34 24.60 -11.16
C VAL A 74 -14.67 23.99 -11.56
N GLN A 75 -15.61 23.97 -10.62
CA GLN A 75 -16.94 23.41 -10.83
C GLN A 75 -17.88 24.54 -11.23
N ARG A 76 -19.03 24.19 -11.79
CA ARG A 76 -19.97 25.18 -12.30
C ARG A 76 -20.50 26.07 -11.16
N PRO A 77 -20.77 27.36 -11.46
CA PRO A 77 -21.37 28.25 -10.46
C PRO A 77 -22.73 27.78 -9.98
N MET A 78 -23.00 27.96 -8.69
CA MET A 78 -24.31 27.65 -8.12
C MET A 78 -25.31 28.74 -8.52
N THR A 79 -26.54 28.32 -8.84
CA THR A 79 -27.60 29.26 -9.19
C THR A 79 -28.37 29.66 -7.93
N ALA A 80 -29.24 30.65 -8.07
CA ALA A 80 -30.04 31.15 -6.95
C ALA A 80 -30.83 30.04 -6.25
N GLU A 81 -31.37 29.13 -7.04
CA GLU A 81 -32.15 27.99 -6.54
C GLU A 81 -31.31 27.05 -5.67
N GLU A 82 -30.08 26.80 -6.09
CA GLU A 82 -29.22 25.80 -5.45
C GLU A 82 -28.74 26.19 -4.05
N GLY A 83 -28.75 27.50 -3.74
CA GLY A 83 -28.35 27.96 -2.42
C GLY A 83 -27.81 29.38 -2.42
N THR A 84 -26.80 29.61 -3.26
CA THR A 84 -26.15 30.92 -3.35
C THR A 84 -25.94 31.30 -4.82
N ASP A 85 -26.53 32.42 -5.21
CA ASP A 85 -26.47 32.89 -6.59
C ASP A 85 -25.07 33.43 -6.92
N GLU A 86 -24.18 32.52 -7.30
CA GLU A 86 -22.81 32.88 -7.69
C GLU A 86 -22.74 33.48 -9.09
N VAL A 87 -23.74 33.17 -9.92
CA VAL A 87 -23.80 33.70 -11.28
C VAL A 87 -23.99 35.21 -11.27
N ALA A 88 -24.71 35.71 -10.27
CA ALA A 88 -24.93 37.14 -10.08
C ALA A 88 -23.63 37.88 -9.74
N LEU A 89 -22.75 37.22 -8.97
CA LEU A 89 -21.49 37.84 -8.54
C LEU A 89 -20.55 38.15 -9.71
N ILE A 90 -20.64 37.34 -10.77
CA ILE A 90 -19.86 37.59 -11.98
C ILE A 90 -20.28 38.90 -12.62
N LYS A 91 -19.31 39.73 -12.99
CA LYS A 91 -19.57 40.99 -13.66
C LYS A 91 -20.24 40.74 -15.01
N GLU A 92 -21.26 41.52 -15.31
CA GLU A 92 -21.97 41.42 -16.60
C GLU A 92 -20.97 41.59 -17.76
N GLY A 93 -21.03 40.67 -18.72
CA GLY A 93 -20.20 40.75 -19.92
C GLY A 93 -18.86 40.03 -19.88
N ALA A 94 -18.47 39.55 -18.70
CA ALA A 94 -17.18 38.87 -18.51
C ALA A 94 -17.19 37.46 -19.12
N VAL A 95 -16.01 36.93 -19.41
CA VAL A 95 -15.87 35.55 -19.90
C VAL A 95 -15.61 34.59 -18.73
N LEU A 96 -16.17 33.39 -18.82
CA LEU A 96 -16.14 32.43 -17.71
C LEU A 96 -15.76 31.03 -18.21
N MET A 97 -14.60 30.53 -17.77
CA MET A 97 -14.12 29.20 -18.15
C MET A 97 -14.10 28.26 -16.94
N CYS A 98 -14.82 27.14 -17.05
CA CYS A 98 -14.82 26.10 -16.01
C CYS A 98 -15.49 24.81 -16.48
N HIS A 99 -15.44 23.78 -15.63
CA HIS A 99 -16.22 22.55 -15.85
C HIS A 99 -17.69 22.87 -15.58
N LEU A 100 -18.40 23.23 -16.65
CA LEU A 100 -19.75 23.76 -16.54
C LEU A 100 -20.82 22.65 -16.47
N GLY A 101 -20.47 21.45 -16.94
CA GLY A 101 -21.43 20.34 -17.02
C GLY A 101 -22.63 20.69 -17.88
N ALA A 102 -22.38 21.47 -18.93
CA ALA A 102 -23.41 22.20 -19.65
C ALA A 102 -24.48 21.34 -20.30
N LEU A 103 -24.09 20.19 -20.86
CA LEU A 103 -25.03 19.32 -21.58
C LEU A 103 -26.13 18.72 -20.68
N THR A 104 -25.94 18.79 -19.36
CA THR A 104 -26.94 18.32 -18.40
C THR A 104 -27.43 19.41 -17.43
N ASN A 105 -26.86 20.61 -17.51
CA ASN A 105 -27.22 21.72 -16.62
C ASN A 105 -27.65 22.94 -17.43
N ARG A 106 -28.86 22.89 -17.98
CA ARG A 106 -29.39 23.99 -18.77
C ARG A 106 -29.75 25.25 -17.96
N PRO A 107 -30.26 25.09 -16.73
CA PRO A 107 -30.54 26.25 -15.87
C PRO A 107 -29.36 27.20 -15.66
N VAL A 108 -28.18 26.66 -15.35
CA VAL A 108 -26.99 27.49 -15.09
C VAL A 108 -26.45 28.17 -16.37
N VAL A 109 -26.74 27.59 -17.53
CA VAL A 109 -26.32 28.15 -18.82
C VAL A 109 -27.08 29.43 -19.15
N GLU A 110 -28.40 29.38 -19.05
CA GLU A 110 -29.25 30.52 -19.40
C GLU A 110 -29.26 31.63 -18.34
N ALA A 111 -28.79 31.33 -17.13
CA ALA A 111 -28.61 32.34 -16.08
C ALA A 111 -27.40 33.23 -16.39
N LEU A 112 -26.33 32.59 -16.88
CA LEU A 112 -25.15 33.29 -17.39
C LEU A 112 -25.51 34.07 -18.65
N THR A 113 -26.41 33.51 -19.46
CA THR A 113 -26.87 34.15 -20.69
C THR A 113 -27.63 35.45 -20.40
N LYS A 114 -28.33 35.51 -19.26
CA LYS A 114 -29.06 36.74 -18.87
C LYS A 114 -28.13 37.92 -18.55
N ARG A 115 -26.87 37.64 -18.19
CA ARG A 115 -25.90 38.68 -17.82
C ARG A 115 -24.79 38.88 -18.86
N LYS A 116 -25.09 38.64 -20.13
CA LYS A 116 -24.10 38.79 -21.22
C LYS A 116 -22.80 38.00 -21.02
N ILE A 117 -22.82 36.98 -20.16
CA ILE A 117 -21.60 36.26 -19.79
C ILE A 117 -21.23 35.23 -20.86
N THR A 118 -19.98 35.29 -21.31
CA THR A 118 -19.47 34.38 -22.33
C THR A 118 -18.80 33.17 -21.66
N ALA A 119 -19.57 32.09 -21.48
CA ALA A 119 -19.14 30.93 -20.71
C ALA A 119 -18.59 29.78 -21.57
N TYR A 120 -17.38 29.34 -21.26
CA TYR A 120 -16.69 28.28 -22.01
C TYR A 120 -16.63 26.99 -21.19
N ALA A 121 -17.43 25.99 -21.61
CA ALA A 121 -17.51 24.71 -20.91
C ALA A 121 -16.34 23.80 -21.30
N MET A 122 -15.38 23.64 -20.39
CA MET A 122 -14.11 22.97 -20.69
C MET A 122 -14.22 21.47 -20.92
N GLU A 123 -15.29 20.85 -20.41
CA GLU A 123 -15.49 19.40 -20.57
C GLU A 123 -15.85 19.00 -22.02
N LEU A 124 -16.11 19.99 -22.86
CA LEU A 124 -16.47 19.77 -24.26
C LEU A 124 -15.26 19.93 -25.18
N MET A 125 -14.05 19.82 -24.59
CA MET A 125 -12.82 19.95 -25.35
C MET A 125 -12.72 18.79 -26.34
N PRO A 126 -12.66 19.10 -27.65
CA PRO A 126 -12.58 18.03 -28.64
C PRO A 126 -11.33 17.14 -28.47
N ARG A 127 -11.38 15.93 -29.02
CA ARG A 127 -10.35 14.91 -28.78
C ARG A 127 -9.16 15.00 -29.75
N ILE A 128 -8.87 16.21 -30.22
CA ILE A 128 -7.70 16.45 -31.09
C ILE A 128 -6.41 16.48 -30.27
N SER A 129 -5.33 15.97 -30.86
CA SER A 129 -4.04 15.80 -30.16
C SER A 129 -3.52 17.06 -29.48
N ARG A 130 -3.67 18.21 -30.14
CA ARG A 130 -3.10 19.47 -29.66
C ARG A 130 -3.83 20.08 -28.45
N ALA A 131 -5.03 19.61 -28.17
CA ALA A 131 -5.83 20.13 -27.05
C ALA A 131 -5.81 19.20 -25.83
N GLN A 132 -4.86 18.27 -25.78
CA GLN A 132 -4.69 17.40 -24.61
C GLN A 132 -4.20 18.19 -23.41
N SER A 133 -3.36 19.19 -23.65
CA SER A 133 -2.84 20.06 -22.59
C SER A 133 -3.89 21.03 -22.06
N MET A 134 -5.05 21.08 -22.70
CA MET A 134 -6.19 21.89 -22.26
C MET A 134 -7.33 21.04 -21.67
N ASP A 135 -7.19 19.72 -21.75
CA ASP A 135 -8.29 18.81 -21.42
C ASP A 135 -8.37 18.58 -19.91
N ILE A 136 -9.54 18.87 -19.33
CA ILE A 136 -9.76 18.67 -17.89
C ILE A 136 -10.30 17.28 -17.58
N LEU A 137 -11.13 16.74 -18.47
CA LEU A 137 -11.56 15.33 -18.39
C LEU A 137 -10.33 14.44 -18.17
N SER A 138 -9.29 14.70 -18.96
CA SER A 138 -8.12 13.84 -19.04
C SER A 138 -7.20 13.98 -17.82
N SER A 139 -6.83 15.21 -17.48
CA SER A 139 -5.91 15.47 -16.37
C SER A 139 -6.47 14.98 -15.04
N GLN A 140 -7.79 15.06 -14.89
CA GLN A 140 -8.47 14.69 -13.65
C GLN A 140 -8.80 13.20 -13.58
N SER A 141 -9.14 12.59 -14.71
CA SER A 141 -9.41 11.16 -14.76
C SER A 141 -8.15 10.33 -14.52
N ASN A 142 -6.98 10.90 -14.83
CA ASN A 142 -5.70 10.27 -14.53
C ASN A 142 -5.54 10.10 -13.02
N LEU A 143 -5.68 11.20 -12.29
CA LEU A 143 -5.59 11.18 -10.83
C LEU A 143 -6.70 10.34 -10.21
N ALA A 144 -7.86 10.30 -10.86
CA ALA A 144 -8.98 9.49 -10.39
C ALA A 144 -8.64 8.00 -10.47
N GLY A 145 -7.89 7.62 -11.50
CA GLY A 145 -7.45 6.24 -11.68
C GLY A 145 -6.50 5.78 -10.59
N TYR A 146 -5.55 6.65 -10.24
CA TYR A 146 -4.62 6.40 -9.13
C TYR A 146 -5.37 6.27 -7.80
N ARG A 147 -6.24 7.25 -7.55
CA ARG A 147 -7.01 7.32 -6.31
C ARG A 147 -7.88 6.08 -6.07
N ALA A 148 -8.44 5.52 -7.14
CA ALA A 148 -9.25 4.30 -7.07
C ALA A 148 -8.49 3.14 -6.43
N VAL A 149 -7.24 2.96 -6.85
CA VAL A 149 -6.38 1.91 -6.30
C VAL A 149 -6.06 2.18 -4.83
N ILE A 150 -5.82 3.44 -4.50
CA ILE A 150 -5.56 3.83 -3.11
C ILE A 150 -6.80 3.58 -2.26
N ASP A 151 -7.98 3.84 -2.82
CA ASP A 151 -9.25 3.59 -2.12
C ASP A 151 -9.54 2.10 -1.98
N GLY A 152 -9.24 1.33 -3.01
CA GLY A 152 -9.35 -0.13 -2.93
C GLY A 152 -8.48 -0.68 -1.82
N ALA A 153 -7.22 -0.25 -1.81
CA ALA A 153 -6.25 -0.68 -0.80
C ALA A 153 -6.70 -0.30 0.62
N TYR A 154 -7.30 0.87 0.76
CA TYR A 154 -7.82 1.34 2.06
C TYR A 154 -8.98 0.48 2.55
N GLU A 155 -9.88 0.12 1.63
CA GLU A 155 -11.09 -0.62 1.99
C GLU A 155 -10.89 -2.13 1.99
N PHE A 156 -9.69 -2.57 1.63
CA PHE A 156 -9.36 -3.99 1.50
C PHE A 156 -8.64 -4.47 2.75
N ALA A 157 -9.10 -5.59 3.30
CA ALA A 157 -8.54 -6.16 4.55
C ALA A 157 -7.24 -6.96 4.34
N ARG A 158 -6.75 -7.01 3.10
CA ARG A 158 -5.49 -7.68 2.81
C ARG A 158 -4.50 -6.68 2.24
N ALA A 159 -3.28 -7.15 2.00
CA ALA A 159 -2.22 -6.33 1.41
C ALA A 159 -2.09 -6.65 -0.07
N PHE A 160 -1.68 -5.66 -0.86
CA PHE A 160 -1.52 -5.83 -2.31
C PHE A 160 -0.34 -6.72 -2.71
N PRO A 161 0.87 -6.45 -2.19
CA PRO A 161 2.05 -7.13 -2.71
C PRO A 161 2.26 -8.54 -2.15
N MET A 162 2.91 -9.39 -2.94
CA MET A 162 3.34 -10.71 -2.48
C MET A 162 4.50 -10.56 -1.52
N MET A 163 4.42 -11.24 -0.38
CA MET A 163 5.50 -11.24 0.60
C MET A 163 5.73 -12.65 1.12
N MET A 164 6.87 -13.25 0.78
CA MET A 164 7.28 -14.50 1.41
C MET A 164 7.79 -14.16 2.80
N THR A 165 7.24 -14.82 3.83
CA THR A 165 7.61 -14.54 5.22
C THR A 165 7.71 -15.82 6.04
N ALA A 166 8.23 -15.69 7.26
CA ALA A 166 8.36 -16.82 8.19
C ALA A 166 7.00 -17.38 8.63
N ALA A 167 6.00 -16.51 8.69
CA ALA A 167 4.64 -16.93 9.03
C ALA A 167 3.91 -17.48 7.81
N GLY A 168 4.50 -17.32 6.62
CA GLY A 168 3.97 -17.89 5.40
C GLY A 168 3.87 -16.88 4.28
N THR A 169 3.57 -17.35 3.09
CA THR A 169 3.38 -16.49 1.93
C THR A 169 2.05 -15.76 2.05
N VAL A 170 2.10 -14.43 1.99
CA VAL A 170 0.89 -13.62 1.79
C VAL A 170 0.82 -13.38 0.29
N PRO A 171 -0.27 -13.83 -0.36
CA PRO A 171 -0.33 -13.77 -1.81
C PRO A 171 -0.60 -12.36 -2.31
N PRO A 172 -0.26 -12.09 -3.57
CA PRO A 172 -0.52 -10.76 -4.10
C PRO A 172 -2.01 -10.59 -4.41
N ALA A 173 -2.54 -9.40 -4.19
CA ALA A 173 -3.93 -9.11 -4.54
C ALA A 173 -4.11 -9.26 -6.04
N ARG A 174 -5.35 -9.50 -6.45
CA ARG A 174 -5.69 -9.57 -7.87
C ARG A 174 -6.60 -8.42 -8.25
N VAL A 175 -6.04 -7.40 -8.89
CA VAL A 175 -6.82 -6.28 -9.40
C VAL A 175 -7.34 -6.64 -10.79
N LEU A 176 -8.55 -6.19 -11.10
CA LEU A 176 -9.13 -6.34 -12.42
C LEU A 176 -9.83 -5.04 -12.80
N VAL A 177 -9.33 -4.36 -13.83
CA VAL A 177 -9.84 -3.05 -14.21
C VAL A 177 -10.65 -3.12 -15.51
N PHE A 178 -11.93 -2.74 -15.40
CA PHE A 178 -12.82 -2.65 -16.55
C PHE A 178 -12.72 -1.25 -17.12
N GLY A 179 -12.42 -1.16 -18.42
CA GLY A 179 -12.27 0.13 -19.10
C GLY A 179 -10.86 0.66 -18.94
N VAL A 180 -10.07 0.55 -20.00
CA VAL A 180 -8.67 0.97 -20.00
C VAL A 180 -8.54 2.33 -20.70
N GLY A 181 -9.19 3.34 -20.11
CA GLY A 181 -9.06 4.71 -20.59
C GLY A 181 -7.88 5.39 -19.92
N VAL A 182 -7.98 6.70 -19.71
CA VAL A 182 -6.97 7.45 -18.98
C VAL A 182 -6.90 6.96 -17.53
N ALA A 183 -8.07 6.79 -16.92
CA ALA A 183 -8.17 6.35 -15.53
C ALA A 183 -7.77 4.88 -15.36
N GLY A 184 -8.20 4.04 -16.31
CA GLY A 184 -7.88 2.62 -16.27
C GLY A 184 -6.39 2.37 -16.37
N LEU A 185 -5.73 3.08 -17.28
CA LEU A 185 -4.29 2.93 -17.47
C LEU A 185 -3.49 3.31 -16.23
N GLN A 186 -3.94 4.35 -15.53
CA GLN A 186 -3.27 4.79 -14.31
C GLN A 186 -3.50 3.81 -13.17
N ALA A 187 -4.73 3.30 -13.07
CA ALA A 187 -5.08 2.27 -12.10
C ALA A 187 -4.20 1.02 -12.26
N ILE A 188 -3.96 0.60 -13.51
CA ILE A 188 -3.10 -0.54 -13.76
C ILE A 188 -1.68 -0.25 -13.27
N ALA A 189 -1.14 0.90 -13.65
CA ALA A 189 0.19 1.33 -13.25
C ALA A 189 0.35 1.35 -11.74
N THR A 190 -0.63 1.94 -11.05
CA THR A 190 -0.58 2.11 -9.59
C THR A 190 -0.73 0.79 -8.84
N ALA A 191 -1.59 -0.09 -9.34
CA ALA A 191 -1.79 -1.41 -8.74
C ALA A 191 -0.58 -2.31 -8.95
N LYS A 192 0.04 -2.19 -10.13
CA LYS A 192 1.28 -2.92 -10.44
C LYS A 192 2.42 -2.43 -9.55
N ARG A 193 2.44 -1.11 -9.28
CA ARG A 193 3.40 -0.51 -8.37
C ARG A 193 3.35 -1.21 -7.01
N LEU A 194 2.13 -1.44 -6.50
CA LEU A 194 1.92 -2.10 -5.21
C LEU A 194 1.98 -3.63 -5.26
N GLY A 195 2.46 -4.19 -6.36
CA GLY A 195 2.74 -5.64 -6.44
C GLY A 195 1.56 -6.55 -6.69
N ALA A 196 0.48 -5.99 -7.25
CA ALA A 196 -0.70 -6.77 -7.58
C ALA A 196 -0.55 -7.47 -8.93
N VAL A 197 -1.43 -8.43 -9.17
CA VAL A 197 -1.60 -9.03 -10.48
C VAL A 197 -2.80 -8.32 -11.08
N VAL A 198 -2.61 -7.70 -12.25
CA VAL A 198 -3.65 -6.86 -12.84
C VAL A 198 -4.16 -7.41 -14.18
N MET A 199 -5.41 -7.88 -14.18
CA MET A 199 -6.15 -8.15 -15.40
C MET A 199 -6.87 -6.88 -15.83
N ALA A 200 -7.28 -6.84 -17.09
CA ALA A 200 -8.07 -5.72 -17.61
C ALA A 200 -8.74 -6.05 -18.92
N THR A 201 -9.78 -5.29 -19.25
CA THR A 201 -10.53 -5.49 -20.49
C THR A 201 -11.07 -4.17 -21.03
N ASP A 202 -11.31 -4.15 -22.34
CA ASP A 202 -11.91 -2.99 -23.00
C ASP A 202 -12.48 -3.42 -24.35
N VAL A 203 -13.38 -2.60 -24.89
CA VAL A 203 -13.93 -2.81 -26.24
C VAL A 203 -12.93 -2.40 -27.33
N ARG A 204 -12.10 -1.39 -27.04
CA ARG A 204 -11.16 -0.84 -28.02
C ARG A 204 -9.92 -1.72 -28.11
N ALA A 205 -9.66 -2.25 -29.30
CA ALA A 205 -8.56 -3.21 -29.53
C ALA A 205 -7.16 -2.57 -29.46
N ALA A 206 -7.09 -1.26 -29.69
CA ALA A 206 -5.84 -0.52 -29.59
C ALA A 206 -5.30 -0.54 -28.15
N THR A 207 -6.21 -0.70 -27.20
CA THR A 207 -5.89 -0.67 -25.78
C THR A 207 -5.08 -1.88 -25.31
N LYS A 208 -5.06 -2.95 -26.11
CA LYS A 208 -4.42 -4.22 -25.72
C LYS A 208 -2.92 -4.07 -25.48
N GLU A 209 -2.25 -3.37 -26.39
CA GLU A 209 -0.80 -3.12 -26.29
C GLU A 209 -0.48 -2.26 -25.07
N GLN A 210 -1.41 -1.37 -24.72
CA GLN A 210 -1.22 -0.43 -23.60
C GLN A 210 -1.19 -1.17 -22.26
N VAL A 211 -2.13 -2.09 -22.07
CA VAL A 211 -2.23 -2.88 -20.84
C VAL A 211 -0.97 -3.75 -20.64
N GLU A 212 -0.54 -4.39 -21.72
CA GLU A 212 0.61 -5.31 -21.66
C GLU A 212 1.95 -4.61 -21.44
N SER A 213 2.04 -3.33 -21.83
CA SER A 213 3.24 -2.54 -21.58
C SER A 213 3.36 -2.14 -20.10
N LEU A 214 2.22 -1.97 -19.44
CA LEU A 214 2.20 -1.65 -18.02
C LEU A 214 2.41 -2.89 -17.14
N GLY A 215 2.35 -4.07 -17.75
CA GLY A 215 2.60 -5.33 -17.04
C GLY A 215 1.35 -6.11 -16.70
N GLY A 216 0.23 -5.78 -17.34
CA GLY A 216 -1.04 -6.48 -17.11
C GLY A 216 -1.35 -7.48 -18.20
N LYS A 217 -2.34 -8.34 -17.94
CA LYS A 217 -2.79 -9.33 -18.90
C LYS A 217 -4.19 -8.95 -19.38
N PHE A 218 -4.41 -8.98 -20.71
CA PHE A 218 -5.66 -8.52 -21.30
C PHE A 218 -6.69 -9.63 -21.42
N ILE A 219 -7.96 -9.27 -21.30
CA ILE A 219 -9.08 -10.20 -21.42
C ILE A 219 -9.78 -10.00 -22.76
N THR A 220 -9.51 -10.90 -23.71
CA THR A 220 -10.13 -10.84 -25.04
C THR A 220 -11.55 -11.37 -24.95
N VAL A 221 -12.46 -10.75 -25.68
CA VAL A 221 -13.87 -11.17 -25.67
C VAL A 221 -14.39 -11.39 -27.10
N ASP A 222 -14.29 -10.36 -27.94
CA ASP A 222 -14.80 -10.43 -29.31
C ASP A 222 -13.76 -9.81 -30.25
N ASP A 223 -12.74 -10.60 -30.56
CA ASP A 223 -11.60 -10.16 -31.37
C ASP A 223 -12.03 -9.50 -32.68
N GLU A 224 -13.12 -9.99 -33.26
CA GLU A 224 -13.66 -9.44 -34.51
C GLU A 224 -14.45 -8.14 -34.27
N ALA A 225 -15.43 -8.18 -33.36
CA ALA A 225 -16.33 -7.04 -33.14
C ALA A 225 -15.73 -5.91 -32.28
N MET A 226 -14.51 -6.10 -31.78
CA MET A 226 -13.82 -5.05 -31.03
C MET A 226 -13.12 -4.04 -31.94
N LYS A 227 -12.82 -4.45 -33.18
CA LYS A 227 -12.27 -3.52 -34.18
C LYS A 227 -13.34 -2.57 -34.74
N THR A 228 -14.61 -2.92 -34.59
CA THR A 228 -15.72 -2.09 -35.05
C THR A 228 -16.37 -1.35 -33.86
N ALA A 229 -15.57 -1.00 -32.86
CA ALA A 229 -16.09 -0.42 -31.61
C ALA A 229 -15.48 0.94 -31.22
N GLU A 230 -14.52 1.44 -32.01
CA GLU A 230 -13.89 2.74 -31.71
C GLU A 230 -14.45 3.85 -32.61
N THR A 231 -14.61 5.04 -32.04
CA THR A 231 -15.15 6.20 -32.77
C THR A 231 -14.03 7.10 -33.27
N ALA A 232 -14.39 8.21 -33.92
CA ALA A 232 -13.42 9.18 -34.45
C ALA A 232 -12.57 9.80 -33.35
N GLY A 233 -13.22 10.23 -32.26
CA GLY A 233 -12.52 10.87 -31.14
C GLY A 233 -11.74 9.92 -30.25
N GLY A 234 -12.00 8.62 -30.37
CA GLY A 234 -11.30 7.60 -29.58
C GLY A 234 -12.10 7.04 -28.43
N TYR A 235 -13.32 7.54 -28.24
CA TYR A 235 -14.21 7.06 -27.17
C TYR A 235 -15.08 5.90 -27.66
N ALA A 236 -15.69 5.19 -26.71
CA ALA A 236 -16.44 3.98 -27.01
C ALA A 236 -17.85 4.29 -27.52
N LYS A 237 -18.46 3.28 -28.15
CA LYS A 237 -19.86 3.33 -28.57
C LYS A 237 -20.63 2.24 -27.84
N GLU A 238 -21.94 2.17 -28.09
CA GLU A 238 -22.78 1.15 -27.47
C GLU A 238 -22.54 -0.22 -28.11
N MET A 239 -22.53 -1.27 -27.29
CA MET A 239 -22.19 -2.62 -27.75
C MET A 239 -23.38 -3.60 -27.80
N GLY A 240 -24.47 -3.27 -27.11
CA GLY A 240 -25.67 -4.11 -27.10
C GLY A 240 -25.58 -5.27 -26.14
N GLU A 241 -26.60 -6.12 -26.14
CA GLU A 241 -26.71 -7.24 -25.19
C GLU A 241 -25.87 -8.45 -25.60
N GLU A 242 -25.75 -8.68 -26.91
CA GLU A 242 -24.95 -9.79 -27.44
C GLU A 242 -23.53 -9.77 -26.86
N PHE A 243 -22.86 -8.63 -27.01
CA PHE A 243 -21.49 -8.43 -26.54
C PHE A 243 -21.42 -8.39 -25.01
N ARG A 244 -22.44 -7.81 -24.39
CA ARG A 244 -22.50 -7.67 -22.94
C ARG A 244 -22.53 -9.04 -22.22
N LYS A 245 -23.07 -10.05 -22.89
CA LYS A 245 -23.13 -11.41 -22.34
C LYS A 245 -21.87 -12.23 -22.66
N LYS A 246 -21.24 -11.96 -23.79
CA LYS A 246 -19.95 -12.58 -24.12
C LYS A 246 -18.82 -12.00 -23.27
N GLN A 247 -18.99 -10.75 -22.83
CA GLN A 247 -18.03 -10.08 -21.95
C GLN A 247 -18.23 -10.53 -20.50
N ALA A 248 -19.48 -10.45 -20.04
CA ALA A 248 -19.83 -10.85 -18.67
C ALA A 248 -19.46 -12.31 -18.37
N GLU A 249 -19.42 -13.14 -19.41
CA GLU A 249 -19.04 -14.55 -19.30
C GLU A 249 -17.53 -14.76 -19.34
N ALA A 250 -16.87 -14.04 -20.26
CA ALA A 250 -15.42 -14.17 -20.44
C ALA A 250 -14.64 -13.62 -19.25
N VAL A 251 -15.18 -12.59 -18.62
CA VAL A 251 -14.55 -11.93 -17.47
C VAL A 251 -14.83 -12.63 -16.13
N LEU A 252 -15.87 -13.46 -16.10
CA LEU A 252 -16.30 -14.13 -14.87
C LEU A 252 -15.24 -15.10 -14.33
N LYS A 253 -14.45 -15.68 -15.23
CA LYS A 253 -13.40 -16.62 -14.85
C LYS A 253 -12.39 -15.96 -13.91
N GLU A 254 -12.05 -14.71 -14.20
CA GLU A 254 -11.11 -13.94 -13.39
C GLU A 254 -11.78 -13.18 -12.25
N LEU A 255 -13.05 -12.82 -12.42
CA LEU A 255 -13.77 -12.04 -11.41
C LEU A 255 -13.99 -12.81 -10.10
N VAL A 256 -14.09 -14.13 -10.20
CA VAL A 256 -14.21 -14.98 -9.01
C VAL A 256 -12.87 -15.16 -8.29
N LYS A 257 -11.78 -14.82 -8.98
CA LYS A 257 -10.45 -14.76 -8.38
C LYS A 257 -10.06 -13.33 -7.98
N THR A 258 -10.85 -12.35 -8.42
CA THR A 258 -10.52 -10.93 -8.26
C THR A 258 -10.79 -10.43 -6.83
N ASP A 259 -9.87 -9.61 -6.32
CA ASP A 259 -10.00 -8.99 -5.00
C ASP A 259 -10.48 -7.54 -5.12
N ILE A 260 -9.79 -6.77 -5.95
CA ILE A 260 -10.16 -5.38 -6.21
C ILE A 260 -10.61 -5.24 -7.66
N ALA A 261 -11.78 -4.64 -7.87
CA ALA A 261 -12.32 -4.43 -9.21
C ALA A 261 -12.60 -2.96 -9.45
N ILE A 262 -11.80 -2.33 -10.31
CA ILE A 262 -11.95 -0.92 -10.62
C ILE A 262 -12.64 -0.78 -11.98
N THR A 263 -13.78 -0.07 -12.00
CA THR A 263 -14.58 0.09 -13.23
C THR A 263 -14.64 1.55 -13.65
N THR A 264 -14.21 1.83 -14.87
CA THR A 264 -14.03 3.20 -15.36
C THR A 264 -14.81 3.51 -16.64
N ALA A 265 -15.61 2.57 -17.14
CA ALA A 265 -16.18 2.65 -18.48
C ALA A 265 -17.22 3.77 -18.61
N LEU A 266 -17.13 4.50 -19.72
CA LEU A 266 -18.01 5.63 -20.02
C LEU A 266 -18.37 5.63 -21.51
N ILE A 267 -19.62 5.97 -21.83
CA ILE A 267 -20.06 6.14 -23.22
C ILE A 267 -20.71 7.52 -23.37
N PRO A 268 -20.00 8.49 -24.00
CA PRO A 268 -20.50 9.86 -24.17
C PRO A 268 -21.92 9.93 -24.72
N GLY A 269 -22.78 10.67 -24.03
CA GLY A 269 -24.20 10.77 -24.38
C GLY A 269 -25.04 9.79 -23.57
N LYS A 270 -24.77 8.50 -23.77
CA LYS A 270 -25.52 7.43 -23.09
C LYS A 270 -25.05 7.26 -21.64
N PRO A 271 -25.82 6.52 -20.82
CA PRO A 271 -25.34 6.20 -19.47
C PRO A 271 -24.14 5.25 -19.48
N ALA A 272 -23.52 5.05 -18.32
CA ALA A 272 -22.36 4.17 -18.19
C ALA A 272 -22.80 2.72 -18.31
N PRO A 273 -22.07 1.92 -19.11
CA PRO A 273 -22.49 0.54 -19.38
C PRO A 273 -22.33 -0.38 -18.18
N VAL A 274 -23.27 -1.30 -18.00
CA VAL A 274 -23.22 -2.25 -16.90
C VAL A 274 -22.23 -3.37 -17.23
N LEU A 275 -21.16 -3.43 -16.44
CA LEU A 275 -20.10 -4.42 -16.61
C LEU A 275 -20.14 -5.49 -15.51
N ILE A 276 -20.56 -5.10 -14.32
CA ILE A 276 -20.76 -6.02 -13.21
C ILE A 276 -22.21 -5.86 -12.72
N THR A 277 -22.98 -6.95 -12.78
CA THR A 277 -24.37 -6.96 -12.32
C THR A 277 -24.42 -7.56 -10.93
N GLU A 278 -25.59 -7.52 -10.30
CA GLU A 278 -25.76 -8.08 -8.96
C GLU A 278 -25.52 -9.59 -8.95
N GLU A 279 -25.90 -10.26 -10.04
CA GLU A 279 -25.66 -11.69 -10.19
C GLU A 279 -24.15 -12.00 -10.24
N MET A 280 -23.36 -11.06 -10.75
CA MET A 280 -21.91 -11.23 -10.84
C MET A 280 -21.20 -11.03 -9.50
N VAL A 281 -21.71 -10.15 -8.64
CA VAL A 281 -21.07 -9.91 -7.34
C VAL A 281 -21.29 -11.08 -6.37
N THR A 282 -22.35 -11.86 -6.60
CA THR A 282 -22.62 -13.07 -5.81
C THR A 282 -21.54 -14.13 -5.99
N LYS A 283 -20.89 -14.15 -7.15
CA LYS A 283 -19.85 -15.12 -7.45
C LYS A 283 -18.47 -14.68 -6.93
N MET A 284 -18.38 -13.44 -6.48
CA MET A 284 -17.12 -12.87 -6.01
C MET A 284 -16.80 -13.28 -4.57
N LYS A 285 -15.51 -13.37 -4.27
CA LYS A 285 -15.03 -13.72 -2.94
C LYS A 285 -15.48 -12.69 -1.91
N PRO A 286 -15.83 -13.14 -0.68
CA PRO A 286 -16.11 -12.18 0.38
C PRO A 286 -14.84 -11.49 0.85
N GLY A 287 -14.92 -10.19 1.09
CA GLY A 287 -13.75 -9.37 1.39
C GLY A 287 -13.27 -8.59 0.18
N SER A 288 -13.91 -8.80 -0.96
CA SER A 288 -13.56 -8.11 -2.19
C SER A 288 -14.06 -6.67 -2.19
N VAL A 289 -13.42 -5.82 -2.99
CA VAL A 289 -13.81 -4.43 -3.14
C VAL A 289 -14.10 -4.15 -4.61
N ILE A 290 -15.08 -3.30 -4.87
CA ILE A 290 -15.34 -2.78 -6.21
C ILE A 290 -15.31 -1.26 -6.17
N ILE A 291 -14.44 -0.66 -6.96
CA ILE A 291 -14.38 0.80 -7.07
C ILE A 291 -15.06 1.21 -8.37
N ASP A 292 -16.14 1.98 -8.24
CA ASP A 292 -16.94 2.40 -9.39
C ASP A 292 -16.78 3.90 -9.63
N LEU A 293 -15.89 4.26 -10.54
CA LEU A 293 -15.60 5.66 -10.85
C LEU A 293 -16.67 6.29 -11.74
N ALA A 294 -17.44 5.44 -12.42
CA ALA A 294 -18.53 5.91 -13.29
C ALA A 294 -19.87 6.01 -12.56
N VAL A 295 -19.84 6.05 -11.22
CA VAL A 295 -21.06 6.00 -10.41
C VAL A 295 -21.96 7.23 -10.60
N GLU A 296 -21.35 8.39 -10.82
CA GLU A 296 -22.10 9.63 -11.08
C GLU A 296 -22.75 9.64 -12.47
N ALA A 297 -22.40 8.66 -13.31
CA ALA A 297 -23.02 8.50 -14.64
C ALA A 297 -23.83 7.20 -14.72
N GLY A 298 -24.48 6.84 -13.62
CA GLY A 298 -25.26 5.60 -13.54
C GLY A 298 -24.49 4.47 -12.88
N GLY A 299 -23.21 4.34 -13.24
CA GLY A 299 -22.35 3.32 -12.67
C GLY A 299 -22.18 2.13 -13.58
N ASN A 300 -21.02 1.50 -13.49
CA ASN A 300 -20.77 0.23 -14.15
C ASN A 300 -21.30 -0.93 -13.31
N CYS A 301 -21.62 -0.63 -12.05
CA CYS A 301 -22.29 -1.55 -11.16
C CYS A 301 -23.53 -0.88 -10.59
N PRO A 302 -24.71 -1.48 -10.78
CA PRO A 302 -25.94 -0.83 -10.31
C PRO A 302 -26.07 -0.79 -8.79
N LEU A 303 -25.34 -1.65 -8.09
CA LEU A 303 -25.34 -1.68 -6.62
C LEU A 303 -24.71 -0.44 -5.98
N SER A 304 -23.76 0.20 -6.67
CA SER A 304 -23.08 1.38 -6.14
C SER A 304 -24.02 2.58 -6.05
N GLU A 305 -23.87 3.33 -4.95
CA GLU A 305 -24.63 4.56 -4.71
C GLU A 305 -23.66 5.72 -4.52
N PRO A 306 -23.86 6.83 -5.26
CA PRO A 306 -23.02 8.02 -5.15
C PRO A 306 -22.78 8.48 -3.70
N GLY A 307 -21.51 8.65 -3.35
CA GLY A 307 -21.13 9.14 -2.03
C GLY A 307 -21.19 8.11 -0.91
N LYS A 308 -21.39 6.84 -1.27
CA LYS A 308 -21.57 5.77 -0.28
C LYS A 308 -20.72 4.55 -0.57
N ILE A 309 -20.14 3.97 0.47
CA ILE A 309 -19.55 2.63 0.40
C ILE A 309 -20.67 1.64 0.76
N VAL A 310 -20.98 0.75 -0.18
CA VAL A 310 -22.13 -0.15 -0.06
C VAL A 310 -21.67 -1.60 0.09
N VAL A 311 -21.97 -2.19 1.24
CA VAL A 311 -21.62 -3.59 1.51
C VAL A 311 -22.84 -4.47 1.22
N LYS A 312 -22.77 -5.25 0.14
CA LYS A 312 -23.79 -6.24 -0.19
C LYS A 312 -23.14 -7.51 -0.73
N HIS A 313 -23.62 -8.66 -0.26
CA HIS A 313 -23.10 -9.99 -0.64
C HIS A 313 -21.65 -10.20 -0.22
N GLY A 314 -21.26 -9.61 0.90
CA GLY A 314 -19.89 -9.71 1.41
C GLY A 314 -18.85 -8.93 0.60
N VAL A 315 -19.32 -8.00 -0.22
CA VAL A 315 -18.45 -7.24 -1.13
C VAL A 315 -18.69 -5.74 -0.93
N LYS A 316 -17.66 -5.02 -0.52
CA LYS A 316 -17.72 -3.56 -0.39
C LYS A 316 -17.73 -2.96 -1.79
N ILE A 317 -18.71 -2.09 -2.07
CA ILE A 317 -18.83 -1.46 -3.37
C ILE A 317 -18.78 0.05 -3.19
N VAL A 318 -17.60 0.61 -3.46
CA VAL A 318 -17.32 2.02 -3.22
C VAL A 318 -17.78 2.85 -4.42
N GLY A 319 -18.40 3.99 -4.13
CA GLY A 319 -18.90 4.89 -5.16
C GLY A 319 -18.72 6.34 -4.78
N HIS A 320 -17.49 6.70 -4.42
CA HIS A 320 -17.16 8.08 -4.07
C HIS A 320 -17.49 9.03 -5.22
N THR A 321 -18.10 10.17 -4.87
CA THR A 321 -18.32 11.25 -5.81
C THR A 321 -17.06 12.11 -5.90
N ASN A 322 -16.95 12.85 -7.00
CA ASN A 322 -15.84 13.78 -7.22
C ASN A 322 -14.49 13.17 -6.80
N VAL A 323 -14.15 12.04 -7.43
CA VAL A 323 -12.93 11.31 -7.08
C VAL A 323 -11.67 12.16 -7.26
N PRO A 324 -11.57 12.92 -8.35
CA PRO A 324 -10.42 13.83 -8.54
C PRO A 324 -10.17 14.81 -7.38
N SER A 325 -11.23 15.25 -6.70
CA SER A 325 -11.09 16.17 -5.56
C SER A 325 -10.45 15.50 -4.34
N ARG A 326 -10.48 14.17 -4.31
CA ARG A 326 -9.81 13.40 -3.26
C ARG A 326 -8.28 13.41 -3.48
N VAL A 327 -7.82 14.14 -4.50
CA VAL A 327 -6.41 14.45 -4.72
C VAL A 327 -6.27 15.92 -5.12
N ALA A 328 -6.93 16.79 -4.35
CA ALA A 328 -7.09 18.21 -4.74
C ALA A 328 -5.78 18.96 -4.97
N ALA A 329 -4.78 18.70 -4.13
CA ALA A 329 -3.51 19.44 -4.19
C ALA A 329 -2.66 19.10 -5.42
N ASP A 330 -3.04 18.04 -6.14
CA ASP A 330 -2.48 17.72 -7.45
C ASP A 330 -3.45 18.11 -8.56
N ALA A 331 -4.73 17.82 -8.34
CA ALA A 331 -5.77 18.11 -9.33
C ALA A 331 -5.86 19.59 -9.68
N SER A 332 -5.64 20.45 -8.68
CA SER A 332 -5.75 21.89 -8.85
C SER A 332 -4.70 22.53 -9.77
N PRO A 333 -3.39 22.36 -9.45
CA PRO A 333 -2.39 22.92 -10.36
C PRO A 333 -2.48 22.38 -11.80
N LEU A 334 -3.00 21.18 -11.99
CA LEU A 334 -3.22 20.61 -13.32
C LEU A 334 -4.46 21.21 -14.00
N PHE A 335 -5.49 21.50 -13.22
CA PHE A 335 -6.71 22.16 -13.72
C PHE A 335 -6.41 23.60 -14.10
N ALA A 336 -5.58 24.27 -13.30
CA ALA A 336 -5.18 25.65 -13.56
C ALA A 336 -4.39 25.79 -14.85
N LYS A 337 -3.57 24.78 -15.16
CA LYS A 337 -2.73 24.81 -16.35
C LYS A 337 -3.49 24.37 -17.60
N ASN A 338 -4.56 23.58 -17.41
CA ASN A 338 -5.49 23.29 -18.50
C ASN A 338 -6.09 24.58 -19.05
N LEU A 339 -6.51 25.45 -18.13
CA LEU A 339 -7.14 26.73 -18.49
C LEU A 339 -6.14 27.73 -19.04
N LEU A 340 -4.92 27.72 -18.51
CA LEU A 340 -3.85 28.58 -18.99
C LEU A 340 -3.52 28.28 -20.45
N ASN A 341 -3.54 27.00 -20.81
CA ASN A 341 -3.23 26.57 -22.17
C ASN A 341 -4.37 26.82 -23.15
N PHE A 342 -5.61 26.79 -22.65
CA PHE A 342 -6.79 27.11 -23.48
C PHE A 342 -6.84 28.59 -23.81
N LEU A 343 -6.48 29.41 -22.82
CA LEU A 343 -6.57 30.87 -22.93
C LEU A 343 -5.37 31.51 -23.64
N THR A 344 -4.18 30.95 -23.44
CA THR A 344 -2.93 31.57 -23.90
C THR A 344 -2.87 31.95 -25.40
N PRO A 345 -3.28 31.05 -26.30
CA PRO A 345 -3.22 31.35 -27.74
C PRO A 345 -4.08 32.52 -28.23
N HIS A 346 -5.06 32.93 -27.42
CA HIS A 346 -6.01 33.97 -27.82
C HIS A 346 -5.77 35.31 -27.12
N VAL A 347 -4.62 35.43 -26.44
CA VAL A 347 -4.24 36.69 -25.77
C VAL A 347 -3.27 37.45 -26.68
N ASP A 348 -3.59 38.72 -26.95
CA ASP A 348 -2.80 39.54 -27.87
C ASP A 348 -1.36 39.75 -27.42
N LYS A 349 -0.48 39.92 -28.40
CA LYS A 349 0.96 40.08 -28.16
C LYS A 349 1.25 41.25 -27.24
N ASP A 350 0.70 42.42 -27.59
CA ASP A 350 0.80 43.63 -26.77
C ASP A 350 -0.44 44.50 -27.04
N THR A 351 -1.49 44.26 -26.27
CA THR A 351 -2.77 44.95 -26.46
C THR A 351 -3.66 44.98 -25.21
N LYS A 352 -3.52 43.98 -24.33
CA LYS A 352 -4.32 43.88 -23.10
C LYS A 352 -5.77 43.53 -23.46
N THR A 353 -5.93 42.39 -24.13
CA THR A 353 -7.25 41.98 -24.62
C THR A 353 -7.33 40.47 -24.86
N LEU A 354 -8.56 39.95 -24.84
CA LEU A 354 -8.80 38.52 -25.05
C LEU A 354 -9.68 38.31 -26.28
N VAL A 355 -9.04 38.20 -27.44
CA VAL A 355 -9.73 37.94 -28.69
C VAL A 355 -9.84 36.43 -28.89
N MET A 356 -10.94 35.85 -28.45
CA MET A 356 -11.14 34.41 -28.57
C MET A 356 -11.46 34.01 -30.02
N LYS A 357 -10.46 33.42 -30.68
CA LYS A 357 -10.57 33.05 -32.09
C LYS A 357 -11.75 32.11 -32.33
N LEU A 358 -12.83 32.65 -32.91
CA LEU A 358 -14.07 31.86 -33.13
C LEU A 358 -13.86 30.77 -34.18
N GLU A 359 -12.84 30.95 -35.02
CA GLU A 359 -12.47 29.96 -36.03
C GLU A 359 -11.87 28.71 -35.39
N ASP A 360 -11.10 28.91 -34.33
CA ASP A 360 -10.42 27.83 -33.60
C ASP A 360 -11.42 26.84 -33.01
N GLU A 361 -11.32 25.57 -33.40
CA GLU A 361 -12.28 24.54 -32.96
C GLU A 361 -12.20 24.22 -31.46
N THR A 362 -11.12 24.65 -30.82
CA THR A 362 -11.03 24.67 -29.36
C THR A 362 -12.05 25.64 -28.78
N VAL A 363 -12.26 26.75 -29.50
CA VAL A 363 -13.20 27.79 -29.09
C VAL A 363 -14.63 27.47 -29.52
N SER A 364 -14.79 26.83 -30.68
CA SER A 364 -16.11 26.55 -31.23
C SER A 364 -16.84 25.43 -30.49
N GLY A 365 -16.11 24.35 -30.20
CA GLY A 365 -16.68 23.21 -29.49
C GLY A 365 -16.90 23.44 -28.00
N THR A 366 -16.36 24.53 -27.48
CA THR A 366 -16.39 24.83 -26.04
C THR A 366 -17.42 25.90 -25.68
N CYS A 367 -17.54 26.94 -26.50
CA CYS A 367 -18.39 28.09 -26.18
C CYS A 367 -19.87 27.72 -26.09
N VAL A 368 -20.42 27.80 -24.88
CA VAL A 368 -21.83 27.51 -24.64
C VAL A 368 -22.70 28.73 -24.95
N THR A 369 -22.34 29.88 -24.38
CA THR A 369 -23.06 31.13 -24.62
C THR A 369 -22.08 32.28 -24.79
N ARG A 370 -22.57 33.38 -25.37
CA ARG A 370 -21.76 34.60 -25.54
C ARG A 370 -22.65 35.82 -25.76
N ASP A 371 -22.45 36.84 -24.93
CA ASP A 371 -23.16 38.11 -25.04
C ASP A 371 -24.69 37.97 -24.97
N GLY A 372 -25.16 36.93 -24.31
CA GLY A 372 -26.59 36.66 -24.16
C GLY A 372 -27.23 35.90 -25.32
N ALA A 373 -26.44 35.04 -25.97
CA ALA A 373 -26.93 34.24 -27.09
C ALA A 373 -26.28 32.86 -27.08
N ILE A 374 -27.09 31.82 -26.83
CA ILE A 374 -26.60 30.45 -26.70
C ILE A 374 -26.20 29.90 -28.09
N VAL A 375 -24.90 29.87 -28.35
CA VAL A 375 -24.36 29.50 -29.67
C VAL A 375 -24.23 27.99 -29.89
N HIS A 376 -24.04 27.24 -28.80
CA HIS A 376 -23.82 25.79 -28.88
C HIS A 376 -25.03 25.05 -29.49
N PRO A 377 -24.80 24.19 -30.50
CA PRO A 377 -25.90 23.40 -31.07
C PRO A 377 -26.36 22.27 -30.14
N ALA A 378 -27.12 22.62 -29.10
CA ALA A 378 -27.62 21.65 -28.13
C ALA A 378 -29.10 21.39 -28.34
N MET B 1 -8.15 -34.71 22.68
CA MET B 1 -7.40 -33.46 22.99
C MET B 1 -7.98 -32.26 22.24
N LYS B 2 -8.73 -31.43 22.97
CA LYS B 2 -9.47 -30.31 22.38
C LYS B 2 -8.67 -29.00 22.37
N ILE B 3 -8.72 -28.30 21.23
CA ILE B 3 -8.16 -26.96 21.10
C ILE B 3 -9.25 -26.03 20.54
N ALA B 4 -9.54 -24.96 21.27
CA ALA B 4 -10.62 -24.04 20.92
C ALA B 4 -10.10 -22.66 20.55
N ILE B 5 -10.77 -22.01 19.60
CA ILE B 5 -10.41 -20.66 19.17
C ILE B 5 -11.65 -19.76 19.18
N PRO B 6 -11.72 -18.80 20.12
CA PRO B 6 -12.93 -18.00 20.27
C PRO B 6 -12.94 -16.79 19.33
N LYS B 7 -13.99 -15.98 19.43
CA LYS B 7 -14.05 -14.69 18.74
C LYS B 7 -13.33 -13.66 19.62
N GLU B 8 -12.66 -12.70 18.99
CA GLU B 8 -11.99 -11.63 19.74
C GLU B 8 -13.01 -10.61 20.20
N ARG B 9 -13.26 -10.56 21.51
CA ARG B 9 -14.32 -9.71 22.07
C ARG B 9 -13.91 -8.25 22.18
N ARG B 10 -12.62 -7.96 22.25
CA ARG B 10 -12.15 -6.59 22.41
C ARG B 10 -12.59 -5.71 21.25
N PRO B 11 -12.99 -4.46 21.55
CA PRO B 11 -13.51 -3.58 20.49
C PRO B 11 -12.45 -3.24 19.46
N GLY B 12 -12.83 -3.26 18.19
CA GLY B 12 -11.91 -2.94 17.10
C GLY B 12 -10.84 -4.01 16.98
N GLU B 13 -11.28 -5.23 16.71
CA GLU B 13 -10.39 -6.38 16.64
C GLU B 13 -11.01 -7.42 15.73
N ASP B 14 -10.81 -7.25 14.43
CA ASP B 14 -11.45 -8.10 13.44
C ASP B 14 -10.66 -9.39 13.14
N ARG B 15 -9.54 -9.59 13.83
CA ARG B 15 -8.70 -10.76 13.61
C ARG B 15 -9.17 -11.97 14.40
N VAL B 16 -8.62 -13.13 14.05
CA VAL B 16 -8.92 -14.40 14.72
C VAL B 16 -7.66 -15.25 14.74
N ALA B 17 -7.52 -16.10 15.76
CA ALA B 17 -6.32 -16.94 15.91
C ALA B 17 -6.47 -18.30 15.23
N ILE B 18 -6.88 -18.29 13.96
CA ILE B 18 -7.05 -19.52 13.20
C ILE B 18 -7.20 -19.23 11.70
N SER B 19 -6.94 -20.25 10.90
CA SER B 19 -7.29 -20.25 9.48
C SER B 19 -7.55 -21.69 9.05
N PRO B 20 -8.23 -21.88 7.91
CA PRO B 20 -8.47 -23.24 7.39
C PRO B 20 -7.18 -24.07 7.24
N GLU B 21 -6.11 -23.46 6.73
CA GLU B 21 -4.82 -24.14 6.56
C GLU B 21 -4.32 -24.73 7.88
N VAL B 22 -4.45 -23.95 8.96
CA VAL B 22 -3.98 -24.36 10.28
C VAL B 22 -4.91 -25.41 10.92
N VAL B 23 -6.19 -25.36 10.57
CA VAL B 23 -7.16 -26.36 11.06
C VAL B 23 -6.85 -27.74 10.46
N LYS B 24 -6.51 -27.77 9.18
CA LYS B 24 -6.10 -28.99 8.49
C LYS B 24 -4.88 -29.61 9.17
N LYS B 25 -3.88 -28.80 9.44
CA LYS B 25 -2.64 -29.25 10.08
C LYS B 25 -2.86 -29.68 11.53
N LEU B 26 -3.78 -29.01 12.22
CA LEU B 26 -4.07 -29.31 13.63
C LEU B 26 -4.76 -30.66 13.80
N VAL B 27 -5.86 -30.86 13.08
CA VAL B 27 -6.60 -32.12 13.15
C VAL B 27 -5.72 -33.29 12.71
N GLY B 28 -4.85 -33.04 11.73
CA GLY B 28 -3.86 -34.02 11.27
C GLY B 28 -2.81 -34.37 12.32
N LEU B 29 -2.53 -33.45 13.24
CA LEU B 29 -1.63 -33.70 14.37
C LEU B 29 -2.34 -34.43 15.53
N GLY B 30 -3.65 -34.56 15.45
CA GLY B 30 -4.43 -35.33 16.43
C GLY B 30 -5.30 -34.48 17.35
N PHE B 31 -5.72 -33.31 16.88
CA PHE B 31 -6.54 -32.39 17.68
C PHE B 31 -7.99 -32.46 17.23
N GLU B 32 -8.87 -31.96 18.09
CA GLU B 32 -10.26 -31.68 17.71
C GLU B 32 -10.43 -30.15 17.79
N VAL B 33 -10.34 -29.50 16.63
CA VAL B 33 -10.33 -28.05 16.56
C VAL B 33 -11.74 -27.48 16.64
N ILE B 34 -12.06 -26.86 17.79
CA ILE B 34 -13.33 -26.16 17.97
C ILE B 34 -13.11 -24.69 17.66
N VAL B 35 -14.16 -23.98 17.25
CA VAL B 35 -14.07 -22.55 17.03
C VAL B 35 -15.45 -21.89 17.10
N GLU B 36 -15.57 -20.85 17.94
CA GLU B 36 -16.81 -20.09 18.10
C GLU B 36 -17.30 -19.56 16.75
N GLN B 37 -18.62 -19.45 16.60
CA GLN B 37 -19.19 -18.97 15.34
C GLN B 37 -18.97 -17.47 15.17
N GLY B 38 -18.69 -17.07 13.93
CA GLY B 38 -18.39 -15.68 13.62
C GLY B 38 -16.97 -15.26 14.01
N ALA B 39 -16.15 -16.25 14.36
CA ALA B 39 -14.81 -15.98 14.89
C ALA B 39 -13.92 -15.20 13.93
N GLY B 40 -13.93 -15.61 12.66
CA GLY B 40 -13.10 -14.99 11.63
C GLY B 40 -13.88 -14.30 10.53
N VAL B 41 -15.06 -13.77 10.86
CA VAL B 41 -15.89 -13.04 9.90
C VAL B 41 -15.24 -11.69 9.53
N GLY B 42 -14.56 -11.08 10.50
CA GLY B 42 -13.81 -9.85 10.25
C GLY B 42 -12.51 -10.08 9.49
N ALA B 43 -12.12 -11.35 9.36
CA ALA B 43 -10.93 -11.75 8.62
C ALA B 43 -11.27 -12.54 7.36
N SER B 44 -12.56 -12.55 6.99
CA SER B 44 -13.06 -13.25 5.80
C SER B 44 -12.88 -14.77 5.85
N ILE B 45 -12.82 -15.34 7.06
CA ILE B 45 -12.76 -16.78 7.25
C ILE B 45 -14.10 -17.24 7.81
N THR B 46 -14.96 -17.71 6.92
CA THR B 46 -16.34 -18.02 7.25
C THR B 46 -16.47 -19.30 8.05
N ASP B 47 -17.61 -19.45 8.73
CA ASP B 47 -17.89 -20.63 9.54
C ASP B 47 -17.82 -21.92 8.73
N ASP B 48 -18.33 -21.85 7.50
CA ASP B 48 -18.37 -23.01 6.61
C ASP B 48 -16.96 -23.49 6.24
N ALA B 49 -16.09 -22.52 5.93
CA ALA B 49 -14.70 -22.82 5.56
C ALA B 49 -13.95 -23.56 6.67
N LEU B 50 -14.26 -23.23 7.92
CA LEU B 50 -13.61 -23.86 9.07
C LEU B 50 -14.05 -25.31 9.28
N THR B 51 -15.34 -25.59 9.10
CA THR B 51 -15.86 -26.96 9.19
C THR B 51 -15.36 -27.80 8.00
N ALA B 52 -15.14 -27.15 6.85
CA ALA B 52 -14.57 -27.81 5.68
C ALA B 52 -13.16 -28.34 5.96
N ALA B 53 -12.36 -27.54 6.68
CA ALA B 53 -10.99 -27.92 7.04
C ALA B 53 -10.96 -28.98 8.15
N GLY B 54 -12.05 -29.13 8.89
CA GLY B 54 -12.18 -30.16 9.92
C GLY B 54 -12.38 -29.61 11.32
N ALA B 55 -13.28 -28.63 11.45
CA ALA B 55 -13.53 -27.99 12.74
C ALA B 55 -15.00 -28.05 13.17
N THR B 56 -15.21 -28.04 14.48
CA THR B 56 -16.54 -27.96 15.07
C THR B 56 -16.84 -26.50 15.36
N ILE B 57 -17.97 -26.00 14.85
CA ILE B 57 -18.40 -24.62 15.09
C ILE B 57 -19.30 -24.57 16.32
N ALA B 58 -18.74 -24.13 17.45
CA ALA B 58 -19.51 -23.97 18.68
C ALA B 58 -20.36 -22.70 18.62
N SER B 59 -21.42 -22.65 19.41
CA SER B 59 -22.41 -21.57 19.36
C SER B 59 -21.93 -20.31 20.10
N THR B 60 -21.46 -20.49 21.32
CA THR B 60 -20.99 -19.38 22.16
C THR B 60 -19.52 -19.55 22.52
N ALA B 61 -18.96 -18.50 23.12
CA ALA B 61 -17.58 -18.52 23.60
C ALA B 61 -17.39 -19.52 24.73
N ALA B 62 -18.42 -19.66 25.58
CA ALA B 62 -18.36 -20.57 26.71
C ALA B 62 -18.30 -22.02 26.26
N GLN B 63 -19.20 -22.39 25.35
CA GLN B 63 -19.27 -23.76 24.83
C GLN B 63 -17.96 -24.23 24.20
N ALA B 64 -17.31 -23.34 23.46
CA ALA B 64 -16.05 -23.67 22.78
C ALA B 64 -14.92 -23.93 23.77
N LEU B 65 -14.76 -23.05 24.75
CA LEU B 65 -13.64 -23.12 25.69
C LEU B 65 -13.88 -24.08 26.87
N SER B 66 -15.12 -24.51 27.07
CA SER B 66 -15.51 -25.26 28.28
C SER B 66 -14.68 -26.53 28.50
N GLN B 67 -14.52 -27.32 27.44
CA GLN B 67 -13.76 -28.56 27.50
C GLN B 67 -12.62 -28.50 26.49
N ALA B 68 -11.70 -27.55 26.70
CA ALA B 68 -10.57 -27.34 25.79
C ALA B 68 -9.24 -27.38 26.53
N ASP B 69 -8.34 -28.25 26.08
CA ASP B 69 -7.02 -28.41 26.70
C ASP B 69 -6.08 -27.30 26.26
N VAL B 70 -6.34 -26.74 25.08
CA VAL B 70 -5.59 -25.61 24.55
C VAL B 70 -6.56 -24.51 24.11
N VAL B 71 -6.18 -23.26 24.35
CA VAL B 71 -6.91 -22.12 23.81
C VAL B 71 -5.95 -21.23 23.03
N TRP B 72 -6.36 -20.84 21.83
CA TRP B 72 -5.65 -19.83 21.05
C TRP B 72 -6.56 -18.63 20.87
N LYS B 73 -6.10 -17.46 21.28
CA LYS B 73 -6.71 -16.19 20.85
C LYS B 73 -5.61 -15.19 20.52
N VAL B 74 -5.96 -14.04 19.94
CA VAL B 74 -4.96 -13.08 19.50
C VAL B 74 -4.59 -12.13 20.65
N GLN B 75 -5.56 -11.37 21.17
CA GLN B 75 -5.30 -10.45 22.28
C GLN B 75 -5.63 -11.15 23.58
N ARG B 76 -5.10 -10.64 24.68
CA ARG B 76 -5.25 -11.27 25.98
C ARG B 76 -6.72 -11.47 26.34
N PRO B 77 -7.02 -12.47 27.19
CA PRO B 77 -8.40 -12.60 27.66
C PRO B 77 -8.79 -11.42 28.55
N MET B 78 -10.08 -11.08 28.53
CA MET B 78 -10.62 -10.08 29.45
C MET B 78 -10.82 -10.69 30.84
N THR B 79 -10.71 -9.85 31.86
CA THR B 79 -10.92 -10.26 33.23
C THR B 79 -12.25 -9.70 33.75
N ALA B 80 -12.64 -10.14 34.95
CA ALA B 80 -13.86 -9.67 35.59
C ALA B 80 -13.80 -8.16 35.87
N GLU B 81 -12.59 -7.65 36.08
CA GLU B 81 -12.36 -6.23 36.34
C GLU B 81 -12.68 -5.38 35.12
N GLU B 82 -12.55 -5.96 33.93
CA GLU B 82 -12.84 -5.26 32.67
C GLU B 82 -14.26 -5.52 32.16
N GLY B 83 -15.08 -6.18 32.98
CA GLY B 83 -16.50 -6.34 32.68
C GLY B 83 -16.90 -7.69 32.08
N THR B 84 -15.93 -8.44 31.57
CA THR B 84 -16.20 -9.71 30.90
C THR B 84 -15.13 -10.74 31.28
N ASP B 85 -15.54 -11.81 31.97
CA ASP B 85 -14.61 -12.82 32.47
C ASP B 85 -14.36 -13.89 31.41
N GLU B 86 -13.51 -13.58 30.43
CA GLU B 86 -13.12 -14.54 29.40
C GLU B 86 -12.25 -15.64 29.99
N VAL B 87 -11.40 -15.27 30.94
CA VAL B 87 -10.54 -16.24 31.63
C VAL B 87 -11.35 -17.28 32.42
N ALA B 88 -12.53 -16.90 32.89
CA ALA B 88 -13.42 -17.84 33.57
C ALA B 88 -13.87 -18.98 32.65
N LEU B 89 -14.08 -18.67 31.38
CA LEU B 89 -14.54 -19.66 30.40
C LEU B 89 -13.48 -20.72 30.06
N ILE B 90 -12.21 -20.40 30.28
CA ILE B 90 -11.11 -21.32 29.98
C ILE B 90 -11.07 -22.46 31.02
N LYS B 91 -10.92 -23.68 30.54
CA LYS B 91 -10.88 -24.88 31.39
C LYS B 91 -9.71 -24.84 32.37
N GLU B 92 -9.96 -25.32 33.59
CA GLU B 92 -8.93 -25.38 34.64
C GLU B 92 -7.78 -26.30 34.19
N GLY B 93 -6.55 -25.82 34.38
CA GLY B 93 -5.37 -26.59 34.02
C GLY B 93 -5.06 -26.62 32.52
N ALA B 94 -5.77 -25.80 31.74
CA ALA B 94 -5.60 -25.77 30.29
C ALA B 94 -4.36 -24.95 29.88
N VAL B 95 -4.14 -24.84 28.57
CA VAL B 95 -3.01 -24.09 28.03
C VAL B 95 -3.52 -22.94 27.16
N LEU B 96 -3.27 -21.71 27.59
CA LEU B 96 -3.59 -20.53 26.78
C LEU B 96 -2.38 -20.13 25.97
N MET B 97 -2.63 -19.63 24.75
CA MET B 97 -1.58 -19.13 23.88
C MET B 97 -2.08 -17.91 23.13
N CYS B 98 -1.56 -16.73 23.48
CA CYS B 98 -2.02 -15.49 22.88
C CYS B 98 -1.00 -14.38 23.07
N HIS B 99 -1.32 -13.19 22.56
CA HIS B 99 -0.56 -11.99 22.87
C HIS B 99 -1.11 -11.42 24.17
N LEU B 100 -0.47 -11.79 25.29
CA LEU B 100 -0.92 -11.37 26.61
C LEU B 100 -0.54 -9.95 26.98
N GLY B 101 0.58 -9.48 26.45
CA GLY B 101 1.21 -8.28 26.99
C GLY B 101 1.38 -8.46 28.49
N ALA B 102 2.00 -9.57 28.87
CA ALA B 102 2.06 -10.00 30.28
C ALA B 102 2.88 -9.06 31.17
N LEU B 103 3.90 -8.43 30.60
CA LEU B 103 4.79 -7.57 31.37
C LEU B 103 4.10 -6.29 31.84
N THR B 104 3.14 -5.80 31.05
CA THR B 104 2.39 -4.60 31.41
C THR B 104 1.04 -4.92 32.04
N ASN B 105 0.57 -6.16 31.90
CA ASN B 105 -0.74 -6.58 32.41
C ASN B 105 -0.61 -7.68 33.45
N ARG B 106 -0.30 -7.31 34.69
CA ARG B 106 -0.15 -8.29 35.77
C ARG B 106 -1.49 -8.94 36.20
N PRO B 107 -2.59 -8.15 36.24
CA PRO B 107 -3.89 -8.72 36.61
C PRO B 107 -4.33 -9.97 35.83
N VAL B 108 -4.22 -9.94 34.50
CA VAL B 108 -4.65 -11.08 33.68
C VAL B 108 -3.81 -12.33 33.94
N VAL B 109 -2.56 -12.14 34.36
CA VAL B 109 -1.68 -13.27 34.69
C VAL B 109 -2.08 -13.91 36.01
N GLU B 110 -2.48 -13.09 36.98
CA GLU B 110 -2.96 -13.60 38.27
C GLU B 110 -4.31 -14.32 38.15
N ALA B 111 -5.15 -13.86 37.23
CA ALA B 111 -6.44 -14.50 36.99
C ALA B 111 -6.26 -15.85 36.29
N LEU B 112 -5.32 -15.92 35.36
CA LEU B 112 -4.98 -17.18 34.70
C LEU B 112 -4.28 -18.15 35.67
N THR B 113 -3.64 -17.61 36.70
CA THR B 113 -2.95 -18.43 37.71
C THR B 113 -3.92 -19.00 38.75
N LYS B 114 -4.96 -18.25 39.10
CA LYS B 114 -5.99 -18.72 40.03
C LYS B 114 -6.79 -19.90 39.46
N ARG B 115 -6.76 -20.06 38.14
CA ARG B 115 -7.41 -21.19 37.47
C ARG B 115 -6.42 -22.30 37.08
N LYS B 116 -5.16 -22.12 37.46
CA LYS B 116 -4.07 -23.07 37.16
C LYS B 116 -3.85 -23.27 35.65
N ILE B 117 -4.16 -22.25 34.86
CA ILE B 117 -3.93 -22.28 33.42
C ILE B 117 -2.44 -22.01 33.15
N THR B 118 -1.87 -22.72 32.18
CA THR B 118 -0.52 -22.45 31.72
C THR B 118 -0.60 -21.50 30.52
N ALA B 119 -0.18 -20.25 30.73
CA ALA B 119 -0.27 -19.22 29.71
C ALA B 119 1.08 -19.01 29.05
N TYR B 120 1.07 -18.90 27.71
CA TYR B 120 2.27 -18.62 26.95
C TYR B 120 2.14 -17.25 26.28
N ALA B 121 2.84 -16.26 26.82
CA ALA B 121 2.83 -14.90 26.26
C ALA B 121 3.66 -14.87 24.99
N MET B 122 2.96 -14.90 23.85
CA MET B 122 3.58 -15.11 22.55
C MET B 122 4.47 -13.93 22.11
N GLU B 123 4.32 -12.77 22.75
CA GLU B 123 5.15 -11.60 22.46
C GLU B 123 6.53 -11.66 23.11
N LEU B 124 6.70 -12.53 24.10
CA LEU B 124 8.01 -12.73 24.74
C LEU B 124 8.85 -13.77 23.98
N MET B 125 8.47 -14.06 22.74
CA MET B 125 9.22 -14.98 21.90
C MET B 125 10.64 -14.44 21.72
N PRO B 126 11.65 -15.25 22.09
CA PRO B 126 13.03 -14.78 21.95
C PRO B 126 13.38 -14.50 20.49
N ARG B 127 14.18 -13.48 20.27
CA ARG B 127 14.59 -13.09 18.92
C ARG B 127 15.72 -14.00 18.46
N ILE B 128 15.34 -15.09 17.80
CA ILE B 128 16.29 -16.01 17.17
C ILE B 128 15.71 -16.52 15.86
N SER B 129 16.59 -16.84 14.91
CA SER B 129 16.17 -17.29 13.59
C SER B 129 15.35 -18.58 13.64
N ARG B 130 15.67 -19.43 14.62
CA ARG B 130 14.92 -20.67 14.88
C ARG B 130 13.44 -20.40 15.16
N ALA B 131 13.15 -19.27 15.81
CA ALA B 131 11.80 -18.96 16.29
C ALA B 131 11.18 -17.74 15.60
N GLN B 132 11.67 -17.39 14.41
CA GLN B 132 11.09 -16.29 13.64
C GLN B 132 9.79 -16.72 12.98
N SER B 133 9.62 -18.04 12.78
CA SER B 133 8.37 -18.59 12.28
C SER B 133 7.27 -18.60 13.35
N MET B 134 7.68 -18.48 14.61
CA MET B 134 6.75 -18.50 15.76
C MET B 134 6.48 -17.10 16.31
N ASP B 135 6.88 -16.07 15.57
CA ASP B 135 6.97 -14.71 16.12
C ASP B 135 5.83 -13.81 15.62
N ILE B 136 4.89 -13.52 16.51
CA ILE B 136 3.73 -12.68 16.15
C ILE B 136 4.06 -11.19 16.04
N LEU B 137 5.07 -10.73 16.77
CA LEU B 137 5.52 -9.33 16.66
C LEU B 137 5.86 -9.00 15.20
N SER B 138 6.67 -9.83 14.57
CA SER B 138 7.13 -9.55 13.21
C SER B 138 6.01 -9.58 12.19
N SER B 139 5.26 -10.68 12.15
CA SER B 139 4.19 -10.87 11.16
C SER B 139 3.16 -9.74 11.18
N GLN B 140 2.85 -9.25 12.37
CA GLN B 140 1.82 -8.21 12.53
C GLN B 140 2.41 -6.81 12.36
N SER B 141 3.64 -6.60 12.82
CA SER B 141 4.35 -5.33 12.61
C SER B 141 4.54 -5.06 11.13
N ASN B 142 4.95 -6.10 10.40
CA ASN B 142 5.18 -6.01 8.96
C ASN B 142 3.96 -5.48 8.21
N LEU B 143 2.81 -6.06 8.48
CA LEU B 143 1.56 -5.60 7.86
C LEU B 143 1.18 -4.20 8.33
N ALA B 144 1.48 -3.87 9.58
CA ALA B 144 1.18 -2.54 10.13
C ALA B 144 1.99 -1.45 9.43
N GLY B 145 3.21 -1.79 9.01
CA GLY B 145 4.07 -0.86 8.29
C GLY B 145 3.59 -0.63 6.88
N TYR B 146 3.11 -1.69 6.23
CA TYR B 146 2.46 -1.56 4.93
C TYR B 146 1.25 -0.63 5.07
N ARG B 147 0.42 -0.92 6.08
CA ARG B 147 -0.81 -0.16 6.33
C ARG B 147 -0.57 1.33 6.48
N ALA B 148 0.48 1.67 7.22
CA ALA B 148 0.82 3.07 7.48
C ALA B 148 0.96 3.86 6.18
N VAL B 149 1.60 3.26 5.19
CA VAL B 149 1.74 3.87 3.87
C VAL B 149 0.38 3.95 3.17
N ILE B 150 -0.41 2.87 3.23
CA ILE B 150 -1.76 2.88 2.63
C ILE B 150 -2.64 3.97 3.25
N ASP B 151 -2.55 4.12 4.58
CA ASP B 151 -3.31 5.14 5.30
C ASP B 151 -2.82 6.56 5.02
N GLY B 152 -1.51 6.73 4.94
CA GLY B 152 -0.92 8.03 4.63
C GLY B 152 -1.31 8.48 3.24
N ALA B 153 -1.30 7.55 2.29
CA ALA B 153 -1.73 7.84 0.91
C ALA B 153 -3.21 8.20 0.87
N TYR B 154 -3.98 7.59 1.75
CA TYR B 154 -5.42 7.83 1.80
C TYR B 154 -5.74 9.26 2.27
N GLU B 155 -5.16 9.66 3.40
CA GLU B 155 -5.48 10.96 3.98
C GLU B 155 -4.78 12.11 3.25
N PHE B 156 -3.73 11.79 2.48
CA PHE B 156 -2.95 12.80 1.75
C PHE B 156 -3.64 13.22 0.46
N ALA B 157 -3.54 14.51 0.14
CA ALA B 157 -4.24 15.09 -1.01
C ALA B 157 -3.40 15.20 -2.28
N ARG B 158 -2.25 14.53 -2.31
CA ARG B 158 -1.50 14.36 -3.57
C ARG B 158 -1.18 12.90 -3.78
N ALA B 159 -0.80 12.57 -5.01
CA ALA B 159 -0.46 11.20 -5.37
C ALA B 159 1.00 10.92 -5.07
N PHE B 160 1.29 9.73 -4.56
CA PHE B 160 2.65 9.35 -4.19
C PHE B 160 3.67 9.50 -5.31
N PRO B 161 3.36 8.99 -6.51
CA PRO B 161 4.37 9.01 -7.57
C PRO B 161 4.46 10.33 -8.29
N MET B 162 5.60 10.59 -8.91
CA MET B 162 5.74 11.68 -9.86
C MET B 162 4.95 11.36 -11.12
N MET B 163 4.32 12.37 -11.70
CA MET B 163 3.54 12.19 -12.91
C MET B 163 3.83 13.29 -13.94
N MET B 164 4.23 12.89 -15.13
CA MET B 164 4.47 13.81 -16.24
C MET B 164 3.30 13.70 -17.22
N THR B 165 2.58 14.81 -17.40
CA THR B 165 1.32 14.81 -18.14
C THR B 165 1.29 15.92 -19.17
N ALA B 166 0.24 15.95 -19.99
CA ALA B 166 0.03 17.01 -20.96
C ALA B 166 -0.26 18.35 -20.27
N ALA B 167 -0.95 18.28 -19.13
CA ALA B 167 -1.30 19.47 -18.36
C ALA B 167 -0.16 19.94 -17.46
N GLY B 168 0.92 19.16 -17.37
CA GLY B 168 2.09 19.52 -16.57
C GLY B 168 2.55 18.40 -15.66
N THR B 169 3.50 18.72 -14.78
CA THR B 169 4.09 17.74 -13.88
C THR B 169 3.69 18.00 -12.44
N VAL B 170 3.45 16.93 -11.69
CA VAL B 170 3.30 17.01 -10.24
C VAL B 170 4.44 16.21 -9.58
N PRO B 171 5.07 16.77 -8.54
CA PRO B 171 6.18 16.09 -7.89
C PRO B 171 5.74 14.89 -7.06
N PRO B 172 6.68 13.98 -6.75
CA PRO B 172 6.34 12.86 -5.88
C PRO B 172 6.19 13.33 -4.46
N ALA B 173 5.56 12.50 -3.62
CA ALA B 173 5.46 12.79 -2.19
C ALA B 173 6.79 12.48 -1.54
N ARG B 174 7.03 13.10 -0.38
CA ARG B 174 8.26 12.87 0.39
C ARG B 174 7.89 12.26 1.73
N VAL B 175 8.32 11.02 1.95
CA VAL B 175 8.02 10.28 3.18
C VAL B 175 9.23 10.28 4.12
N LEU B 176 8.98 10.49 5.41
CA LEU B 176 10.01 10.37 6.45
C LEU B 176 9.57 9.33 7.47
N VAL B 177 10.31 8.23 7.54
CA VAL B 177 9.99 7.14 8.45
C VAL B 177 10.91 7.20 9.67
N PHE B 178 10.33 7.47 10.83
CA PHE B 178 11.07 7.40 12.10
C PHE B 178 10.89 6.00 12.69
N GLY B 179 12.00 5.34 12.97
CA GLY B 179 11.98 3.98 13.51
C GLY B 179 11.99 2.97 12.38
N VAL B 180 13.10 2.25 12.23
CA VAL B 180 13.27 1.30 11.15
C VAL B 180 13.43 -0.10 11.71
N GLY B 181 12.35 -0.60 12.33
CA GLY B 181 12.25 -2.00 12.71
C GLY B 181 11.53 -2.75 11.60
N VAL B 182 10.83 -3.82 11.95
CA VAL B 182 10.09 -4.60 10.97
C VAL B 182 9.04 -3.73 10.28
N ALA B 183 8.28 -2.96 11.07
CA ALA B 183 7.22 -2.11 10.53
C ALA B 183 7.75 -1.03 9.61
N GLY B 184 8.72 -0.27 10.09
CA GLY B 184 9.27 0.84 9.33
C GLY B 184 9.95 0.43 8.04
N LEU B 185 10.53 -0.78 8.01
CA LEU B 185 11.19 -1.28 6.81
C LEU B 185 10.20 -1.60 5.70
N GLN B 186 9.04 -2.14 6.08
CA GLN B 186 7.98 -2.44 5.12
C GLN B 186 7.25 -1.16 4.72
N ALA B 187 7.32 -0.13 5.56
CA ALA B 187 6.81 1.19 5.21
C ALA B 187 7.73 1.85 4.17
N ILE B 188 9.05 1.76 4.39
CA ILE B 188 10.00 2.29 3.39
C ILE B 188 9.78 1.60 2.05
N ALA B 189 9.48 0.30 2.08
CA ALA B 189 9.26 -0.48 0.87
C ALA B 189 7.97 -0.08 0.13
N THR B 190 6.88 0.05 0.89
CA THR B 190 5.57 0.32 0.30
C THR B 190 5.49 1.75 -0.25
N ALA B 191 6.11 2.69 0.44
CA ALA B 191 6.18 4.07 -0.02
C ALA B 191 7.05 4.16 -1.28
N LYS B 192 8.17 3.44 -1.28
CA LYS B 192 9.15 3.59 -2.34
C LYS B 192 8.64 2.98 -3.65
N ARG B 193 7.85 1.91 -3.55
CA ARG B 193 7.26 1.29 -4.75
C ARG B 193 6.08 2.09 -5.28
N LEU B 194 5.48 2.92 -4.42
CA LEU B 194 4.44 3.85 -4.85
C LEU B 194 5.02 5.14 -5.43
N GLY B 195 6.34 5.25 -5.45
CA GLY B 195 7.04 6.31 -6.20
C GLY B 195 7.41 7.54 -5.39
N ALA B 196 7.32 7.45 -4.07
CA ALA B 196 7.68 8.57 -3.20
C ALA B 196 9.18 8.61 -2.96
N VAL B 197 9.70 9.81 -2.71
CA VAL B 197 11.06 9.96 -2.22
C VAL B 197 11.02 9.64 -0.72
N VAL B 198 11.80 8.66 -0.29
CA VAL B 198 11.70 8.17 1.09
C VAL B 198 13.00 8.38 1.90
N MET B 199 12.93 9.33 2.83
CA MET B 199 13.96 9.50 3.86
C MET B 199 13.59 8.65 5.07
N ALA B 200 14.58 8.33 5.91
CA ALA B 200 14.34 7.58 7.14
C ALA B 200 15.46 7.79 8.14
N THR B 201 15.17 7.53 9.41
CA THR B 201 16.15 7.72 10.48
C THR B 201 15.93 6.75 11.63
N ASP B 202 17.02 6.45 12.35
CA ASP B 202 16.98 5.55 13.51
C ASP B 202 18.17 5.82 14.43
N VAL B 203 18.21 5.11 15.56
CA VAL B 203 19.29 5.24 16.54
C VAL B 203 20.24 4.05 16.57
N ARG B 204 19.98 3.02 15.76
CA ARG B 204 20.83 1.83 15.71
C ARG B 204 21.71 1.86 14.47
N ALA B 205 22.99 1.54 14.64
CA ALA B 205 23.98 1.67 13.57
C ALA B 205 23.66 0.81 12.35
N ALA B 206 23.28 -0.44 12.57
CA ALA B 206 23.03 -1.37 11.48
C ALA B 206 21.77 -1.06 10.66
N THR B 207 21.09 0.05 10.99
CA THR B 207 19.87 0.45 10.29
C THR B 207 20.17 1.21 9.00
N LYS B 208 21.16 2.09 9.02
CA LYS B 208 21.50 2.92 7.87
C LYS B 208 21.61 2.08 6.60
N GLU B 209 22.32 0.97 6.70
CA GLU B 209 22.49 0.04 5.59
C GLU B 209 21.14 -0.52 5.13
N GLN B 210 20.31 -0.93 6.11
CA GLN B 210 18.99 -1.51 5.84
C GLN B 210 18.04 -0.57 5.09
N VAL B 211 18.07 0.71 5.45
CA VAL B 211 17.26 1.71 4.76
C VAL B 211 17.69 1.88 3.31
N GLU B 212 19.02 1.91 3.11
CA GLU B 212 19.60 2.04 1.77
C GLU B 212 19.31 0.82 0.90
N SER B 213 19.21 -0.35 1.54
CA SER B 213 18.95 -1.60 0.82
C SER B 213 17.55 -1.67 0.22
N LEU B 214 16.62 -0.85 0.73
CA LEU B 214 15.29 -0.72 0.16
C LEU B 214 15.18 0.44 -0.85
N GLY B 215 16.16 1.34 -0.82
CA GLY B 215 16.24 2.45 -1.78
C GLY B 215 15.92 3.82 -1.22
N GLY B 216 15.97 3.96 0.11
CA GLY B 216 15.77 5.25 0.77
C GLY B 216 17.08 5.82 1.26
N LYS B 217 17.08 7.11 1.57
CA LYS B 217 18.26 7.79 2.11
C LYS B 217 18.16 7.90 3.63
N PHE B 218 19.30 7.80 4.30
CA PHE B 218 19.35 7.81 5.77
C PHE B 218 19.75 9.18 6.30
N ILE B 219 19.18 9.54 7.46
CA ILE B 219 19.52 10.78 8.15
C ILE B 219 20.29 10.42 9.42
N THR B 220 21.62 10.57 9.36
CA THR B 220 22.48 10.30 10.51
C THR B 220 22.33 11.40 11.56
N VAL B 221 22.76 11.10 12.77
CA VAL B 221 22.67 12.02 13.90
C VAL B 221 23.91 11.95 14.80
N ASP B 222 24.26 10.73 15.22
CA ASP B 222 25.44 10.51 16.04
C ASP B 222 25.95 9.08 15.81
N ASP B 223 26.68 8.91 14.70
CA ASP B 223 27.27 7.61 14.35
C ASP B 223 28.23 7.07 15.43
N GLU B 224 28.63 7.94 16.36
CA GLU B 224 29.29 7.52 17.61
C GLU B 224 28.31 7.64 18.77
N ALA B 225 27.41 6.65 18.87
CA ALA B 225 26.31 6.61 19.85
C ALA B 225 25.28 5.57 19.40
N MET B 226 25.07 5.50 18.09
CA MET B 226 24.31 4.43 17.47
C MET B 226 25.07 3.10 17.55
N LYS B 227 26.38 3.18 17.80
CA LYS B 227 27.23 2.01 17.95
C LYS B 227 26.80 1.11 19.11
N THR B 228 26.46 1.73 20.24
CA THR B 228 26.03 1.00 21.44
C THR B 228 24.52 1.18 21.70
N ALA B 229 23.74 1.27 20.62
CA ALA B 229 22.30 1.52 20.72
C ALA B 229 21.46 0.24 20.68
N GLU B 230 22.00 -0.81 20.07
CA GLU B 230 21.34 -2.12 20.07
C GLU B 230 21.55 -2.85 21.40
N THR B 231 20.66 -3.81 21.66
CA THR B 231 20.68 -4.57 22.92
C THR B 231 20.64 -6.09 22.60
N ALA B 232 20.05 -6.87 23.51
CA ALA B 232 20.04 -8.34 23.39
C ALA B 232 19.48 -8.84 22.06
N GLY B 233 18.18 -8.64 21.85
CA GLY B 233 17.50 -9.15 20.66
C GLY B 233 17.27 -8.10 19.59
N GLY B 234 18.19 -7.14 19.46
CA GLY B 234 18.10 -6.10 18.43
C GLY B 234 17.26 -4.90 18.78
N TYR B 235 16.64 -4.89 19.96
CA TYR B 235 15.83 -3.75 20.41
C TYR B 235 16.70 -2.51 20.68
N ALA B 236 16.07 -1.35 20.71
CA ALA B 236 16.77 -0.07 20.96
C ALA B 236 16.68 0.34 22.43
N LYS B 237 17.65 1.15 22.86
CA LYS B 237 17.69 1.69 24.22
C LYS B 237 16.96 3.02 24.34
N GLU B 238 16.90 3.54 25.57
CA GLU B 238 16.62 4.95 25.81
C GLU B 238 17.91 5.73 25.56
N MET B 239 17.78 6.99 25.17
CA MET B 239 18.94 7.80 24.77
C MET B 239 19.04 9.12 25.54
N GLY B 240 18.24 9.29 26.59
CA GLY B 240 18.23 10.51 27.38
C GLY B 240 17.55 11.66 26.66
N GLU B 241 17.95 12.89 27.01
CA GLU B 241 17.41 14.09 26.37
C GLU B 241 18.48 14.88 25.61
N GLU B 242 19.73 14.43 25.68
CA GLU B 242 20.83 15.06 24.94
C GLU B 242 20.88 14.50 23.51
N PHE B 243 20.24 13.35 23.29
CA PHE B 243 20.06 12.80 21.95
C PHE B 243 18.73 13.22 21.35
N ARG B 244 17.70 13.33 22.19
CA ARG B 244 16.38 13.80 21.76
C ARG B 244 16.49 15.20 21.15
N LYS B 245 17.41 16.01 21.69
CA LYS B 245 17.72 17.33 21.15
C LYS B 245 18.51 17.23 19.84
N LYS B 246 19.51 16.37 19.81
CA LYS B 246 20.43 16.26 18.67
C LYS B 246 19.76 15.64 17.43
N GLN B 247 18.73 14.81 17.66
CA GLN B 247 17.99 14.20 16.56
C GLN B 247 17.11 15.22 15.85
N ALA B 248 16.31 15.95 16.63
CA ALA B 248 15.35 16.92 16.09
C ALA B 248 15.97 18.01 15.20
N GLU B 249 17.23 18.37 15.45
CA GLU B 249 17.87 19.47 14.71
C GLU B 249 18.34 19.04 13.31
N ALA B 250 18.92 17.85 13.21
CA ALA B 250 19.37 17.33 11.91
C ALA B 250 18.17 16.88 11.07
N VAL B 251 17.23 16.22 11.73
CA VAL B 251 15.95 15.82 11.14
C VAL B 251 15.17 17.01 10.57
N LEU B 252 15.23 18.15 11.24
CA LEU B 252 14.40 19.32 10.91
C LEU B 252 14.53 19.78 9.46
N LYS B 253 15.74 19.71 8.91
CA LYS B 253 15.98 20.08 7.50
C LYS B 253 15.09 19.29 6.54
N GLU B 254 14.92 18.01 6.82
CA GLU B 254 14.14 17.11 5.97
C GLU B 254 12.66 17.08 6.33
N LEU B 255 12.34 17.30 7.60
CA LEU B 255 10.95 17.28 8.07
C LEU B 255 10.12 18.44 7.52
N VAL B 256 10.79 19.55 7.20
CA VAL B 256 10.13 20.72 6.62
C VAL B 256 9.61 20.46 5.20
N LYS B 257 10.28 19.56 4.47
CA LYS B 257 9.85 19.18 3.13
C LYS B 257 9.00 17.91 3.12
N THR B 258 8.84 17.28 4.28
CA THR B 258 8.11 16.02 4.41
C THR B 258 6.61 16.21 4.23
N ASP B 259 6.01 15.37 3.42
CA ASP B 259 4.55 15.34 3.25
C ASP B 259 3.94 14.37 4.25
N ILE B 260 4.43 13.14 4.26
CA ILE B 260 3.90 12.08 5.11
C ILE B 260 5.01 11.56 6.01
N ALA B 261 4.80 11.65 7.33
CA ALA B 261 5.75 11.13 8.30
C ALA B 261 5.16 9.93 9.00
N ILE B 262 5.86 8.80 8.95
CA ILE B 262 5.42 7.58 9.63
C ILE B 262 6.35 7.32 10.80
N THR B 263 5.79 7.23 12.00
CA THR B 263 6.57 7.03 13.22
C THR B 263 6.25 5.67 13.82
N THR B 264 7.29 4.83 13.93
CA THR B 264 7.14 3.45 14.42
C THR B 264 7.97 3.19 15.67
N ALA B 265 8.65 4.22 16.17
CA ALA B 265 9.64 4.04 17.23
C ALA B 265 8.99 3.67 18.55
N LEU B 266 9.56 2.67 19.22
CA LEU B 266 8.95 2.08 20.41
C LEU B 266 10.01 1.29 21.18
N ILE B 267 10.06 1.52 22.50
CA ILE B 267 11.06 0.90 23.39
C ILE B 267 10.33 -0.15 24.23
N PRO B 268 10.96 -1.34 24.43
CA PRO B 268 10.20 -2.42 25.07
C PRO B 268 10.09 -2.26 26.59
N GLY B 269 8.85 -2.26 27.09
CA GLY B 269 8.57 -2.05 28.51
C GLY B 269 8.23 -0.59 28.80
N LYS B 270 9.15 0.29 28.46
CA LYS B 270 8.99 1.74 28.60
C LYS B 270 8.07 2.32 27.52
N PRO B 271 7.57 3.56 27.73
CA PRO B 271 6.73 4.19 26.71
C PRO B 271 7.53 4.72 25.52
N ALA B 272 6.82 5.26 24.52
CA ALA B 272 7.46 5.68 23.26
C ALA B 272 8.26 6.96 23.41
N PRO B 273 9.40 7.05 22.71
CA PRO B 273 10.17 8.29 22.69
C PRO B 273 9.53 9.34 21.79
N VAL B 274 9.51 10.59 22.24
CA VAL B 274 8.95 11.69 21.45
C VAL B 274 9.94 12.12 20.38
N LEU B 275 9.63 11.80 19.12
CA LEU B 275 10.49 12.14 17.98
C LEU B 275 9.99 13.33 17.18
N ILE B 276 8.68 13.58 17.23
CA ILE B 276 8.09 14.77 16.59
C ILE B 276 7.30 15.54 17.64
N THR B 277 7.85 16.69 18.06
CA THR B 277 7.18 17.56 19.03
C THR B 277 6.17 18.47 18.34
N GLU B 278 5.30 19.10 19.13
CA GLU B 278 4.35 20.08 18.59
C GLU B 278 5.08 21.23 17.90
N GLU B 279 6.20 21.65 18.48
CA GLU B 279 7.01 22.72 17.89
C GLU B 279 7.47 22.34 16.48
N MET B 280 7.74 21.05 16.27
CA MET B 280 8.18 20.56 14.97
C MET B 280 7.03 20.49 13.95
N VAL B 281 5.81 20.22 14.41
CA VAL B 281 4.66 20.16 13.49
C VAL B 281 4.23 21.55 13.01
N THR B 282 4.64 22.59 13.74
CA THR B 282 4.40 23.98 13.31
C THR B 282 5.16 24.25 12.01
N LYS B 283 6.38 23.74 11.93
CA LYS B 283 7.27 23.95 10.79
C LYS B 283 6.95 23.01 9.61
N MET B 284 6.08 22.02 9.85
CA MET B 284 5.58 21.18 8.77
C MET B 284 4.56 21.97 7.94
N LYS B 285 4.62 21.79 6.63
CA LYS B 285 3.73 22.52 5.73
C LYS B 285 2.31 21.95 5.82
N PRO B 286 1.28 22.83 5.72
CA PRO B 286 -0.12 22.41 5.62
C PRO B 286 -0.39 21.36 4.55
N GLY B 287 -1.28 20.42 4.86
CA GLY B 287 -1.58 19.29 3.98
C GLY B 287 -0.81 18.03 4.34
N SER B 288 0.09 18.13 5.32
CA SER B 288 0.91 17.00 5.73
C SER B 288 0.11 16.03 6.60
N VAL B 289 0.64 14.82 6.75
CA VAL B 289 0.09 13.86 7.70
C VAL B 289 1.21 13.19 8.52
N ILE B 290 0.87 12.80 9.74
CA ILE B 290 1.75 11.98 10.55
C ILE B 290 0.97 10.71 10.91
N ILE B 291 1.44 9.56 10.44
CA ILE B 291 0.89 8.28 10.85
C ILE B 291 1.70 7.83 12.06
N ASP B 292 1.02 7.62 13.19
CA ASP B 292 1.69 7.23 14.44
C ASP B 292 1.33 5.80 14.85
N LEU B 293 2.18 4.85 14.48
CA LEU B 293 1.98 3.45 14.83
C LEU B 293 2.30 3.16 16.29
N ALA B 294 2.95 4.11 16.96
CA ALA B 294 3.29 3.99 18.38
C ALA B 294 2.27 4.65 19.31
N VAL B 295 1.09 4.99 18.78
CA VAL B 295 0.09 5.75 19.56
C VAL B 295 -0.40 4.99 20.80
N GLU B 296 -0.54 3.67 20.70
CA GLU B 296 -1.07 2.84 21.79
C GLU B 296 -0.10 2.68 22.98
N ALA B 297 1.07 3.32 22.92
CA ALA B 297 2.02 3.25 24.02
C ALA B 297 2.78 4.56 24.16
N GLY B 298 2.04 5.66 24.31
CA GLY B 298 2.63 6.99 24.49
C GLY B 298 2.53 7.84 23.24
N GLY B 299 2.94 7.27 22.11
CA GLY B 299 2.96 7.98 20.84
C GLY B 299 4.30 8.67 20.64
N ASN B 300 4.83 8.59 19.43
CA ASN B 300 6.07 9.30 19.07
C ASN B 300 5.83 10.79 18.89
N CYS B 301 4.56 11.17 18.75
CA CYS B 301 4.15 12.57 18.68
C CYS B 301 3.02 12.80 19.68
N PRO B 302 3.22 13.70 20.65
CA PRO B 302 2.24 13.85 21.73
C PRO B 302 0.85 14.27 21.26
N LEU B 303 0.77 14.97 20.14
CA LEU B 303 -0.50 15.45 19.59
C LEU B 303 -1.43 14.32 19.16
N SER B 304 -0.86 13.21 18.70
CA SER B 304 -1.67 12.07 18.25
C SER B 304 -2.49 11.48 19.40
N GLU B 305 -3.70 11.04 19.08
CA GLU B 305 -4.63 10.47 20.05
C GLU B 305 -5.17 9.12 19.55
N PRO B 306 -5.15 8.08 20.40
CA PRO B 306 -5.65 6.75 20.05
C PRO B 306 -7.00 6.78 19.33
N GLY B 307 -7.08 6.15 18.16
CA GLY B 307 -8.33 5.99 17.43
C GLY B 307 -8.86 7.22 16.72
N LYS B 308 -8.14 8.34 16.81
CA LYS B 308 -8.60 9.60 16.25
C LYS B 308 -7.63 10.14 15.21
N ILE B 309 -8.16 10.91 14.26
CA ILE B 309 -7.34 11.68 13.33
C ILE B 309 -7.45 13.15 13.73
N VAL B 310 -6.60 13.58 14.64
CA VAL B 310 -6.57 14.98 15.08
C VAL B 310 -5.85 15.85 14.04
N VAL B 311 -6.29 17.09 13.91
CA VAL B 311 -5.73 18.03 12.94
C VAL B 311 -5.29 19.31 13.65
N LYS B 312 -3.98 19.51 13.77
CA LYS B 312 -3.46 20.72 14.41
C LYS B 312 -2.34 21.31 13.56
N HIS B 313 -2.38 22.64 13.38
CA HIS B 313 -1.33 23.40 12.68
C HIS B 313 -1.29 23.06 11.18
N GLY B 314 -2.42 22.59 10.64
CA GLY B 314 -2.51 22.20 9.23
C GLY B 314 -2.17 20.75 8.93
N VAL B 315 -1.73 20.01 9.95
CA VAL B 315 -1.27 18.63 9.79
C VAL B 315 -2.29 17.61 10.31
N LYS B 316 -2.70 16.69 9.44
CA LYS B 316 -3.55 15.56 9.84
C LYS B 316 -2.74 14.52 10.58
N ILE B 317 -2.69 14.64 11.91
CA ILE B 317 -2.04 13.63 12.74
C ILE B 317 -2.97 12.41 12.89
N VAL B 318 -2.66 11.34 12.16
CA VAL B 318 -3.43 10.10 12.20
C VAL B 318 -2.89 9.23 13.34
N GLY B 319 -3.77 8.54 14.04
CA GLY B 319 -3.38 7.71 15.17
C GLY B 319 -4.33 6.56 15.44
N HIS B 320 -4.55 5.72 14.43
CA HIS B 320 -5.40 4.56 14.59
C HIS B 320 -4.82 3.58 15.60
N THR B 321 -5.68 2.80 16.22
CA THR B 321 -5.27 1.72 17.11
C THR B 321 -5.32 0.40 16.37
N ASN B 322 -4.60 -0.60 16.86
CA ASN B 322 -4.72 -1.96 16.37
C ASN B 322 -4.60 -2.03 14.85
N VAL B 323 -3.46 -1.55 14.34
CA VAL B 323 -3.26 -1.41 12.90
C VAL B 323 -3.21 -2.75 12.13
N PRO B 324 -2.61 -3.80 12.73
CA PRO B 324 -2.63 -5.10 12.04
C PRO B 324 -4.05 -5.62 11.78
N SER B 325 -5.02 -5.23 12.61
CA SER B 325 -6.43 -5.57 12.38
C SER B 325 -6.99 -4.83 11.17
N ARG B 326 -6.42 -3.67 10.84
CA ARG B 326 -6.79 -2.96 9.61
C ARG B 326 -6.34 -3.74 8.37
N VAL B 327 -5.69 -4.90 8.59
CA VAL B 327 -5.30 -5.85 7.55
C VAL B 327 -5.69 -7.27 7.99
N ALA B 328 -6.82 -7.40 8.67
CA ALA B 328 -7.18 -8.62 9.41
C ALA B 328 -7.15 -9.94 8.61
N ALA B 329 -7.51 -9.90 7.33
CA ALA B 329 -7.65 -11.14 6.54
C ALA B 329 -6.30 -11.75 6.11
N ASP B 330 -5.26 -10.93 6.02
CA ASP B 330 -3.88 -11.42 5.84
C ASP B 330 -3.22 -11.64 7.19
N ALA B 331 -3.45 -10.72 8.12
CA ALA B 331 -2.85 -10.78 9.46
C ALA B 331 -3.23 -12.03 10.25
N SER B 332 -4.45 -12.52 10.07
CA SER B 332 -4.93 -13.69 10.82
C SER B 332 -4.28 -15.03 10.42
N PRO B 333 -4.32 -15.40 9.13
CA PRO B 333 -3.65 -16.65 8.74
C PRO B 333 -2.16 -16.71 9.12
N LEU B 334 -1.51 -15.55 9.21
CA LEU B 334 -0.13 -15.49 9.67
C LEU B 334 -0.07 -15.76 11.17
N PHE B 335 -0.84 -15.00 11.93
CA PHE B 335 -0.92 -15.16 13.39
C PHE B 335 -1.18 -16.61 13.79
N ALA B 336 -2.07 -17.27 13.04
CA ALA B 336 -2.39 -18.67 13.29
C ALA B 336 -1.21 -19.58 12.96
N LYS B 337 -0.48 -19.25 11.89
CA LYS B 337 0.74 -19.97 11.52
C LYS B 337 1.85 -19.83 12.56
N ASN B 338 1.91 -18.68 13.23
CA ASN B 338 2.85 -18.47 14.34
C ASN B 338 2.50 -19.41 15.49
N LEU B 339 1.26 -19.33 15.95
CA LEU B 339 0.75 -20.23 16.98
C LEU B 339 1.01 -21.71 16.66
N LEU B 340 0.81 -22.08 15.39
CA LEU B 340 0.99 -23.47 14.96
C LEU B 340 2.44 -23.93 15.02
N ASN B 341 3.36 -23.09 14.52
CA ASN B 341 4.79 -23.43 14.51
C ASN B 341 5.38 -23.54 15.91
N PHE B 342 4.79 -22.80 16.86
CA PHE B 342 5.21 -22.84 18.26
C PHE B 342 4.72 -24.13 18.94
N LEU B 343 3.55 -24.60 18.54
CA LEU B 343 2.91 -25.76 19.17
C LEU B 343 3.30 -27.09 18.54
N THR B 344 3.60 -27.09 17.25
CA THR B 344 3.81 -28.33 16.48
C THR B 344 4.92 -29.25 17.04
N PRO B 345 6.11 -28.70 17.32
CA PRO B 345 7.20 -29.53 17.85
C PRO B 345 6.96 -30.19 19.22
N HIS B 346 5.91 -29.78 19.93
CA HIS B 346 5.67 -30.21 21.31
C HIS B 346 4.52 -31.20 21.40
N VAL B 347 3.92 -31.52 20.25
CA VAL B 347 2.87 -32.53 20.19
C VAL B 347 3.55 -33.89 20.24
N ASP B 348 3.31 -34.63 21.32
CA ASP B 348 3.85 -35.97 21.47
C ASP B 348 3.27 -36.85 20.37
N LYS B 349 4.14 -37.34 19.50
CA LYS B 349 3.75 -38.04 18.27
C LYS B 349 2.78 -39.20 18.52
N ASP B 350 3.30 -40.30 19.06
CA ASP B 350 2.55 -41.55 19.17
C ASP B 350 1.78 -41.64 20.49
N THR B 351 0.77 -40.78 20.63
CA THR B 351 -0.06 -40.70 21.84
C THR B 351 -1.11 -39.57 21.78
N LYS B 352 -0.84 -38.53 21.00
CA LYS B 352 -1.75 -37.39 20.82
C LYS B 352 -2.04 -36.63 22.12
N THR B 353 -0.96 -36.27 22.81
CA THR B 353 -0.98 -35.32 23.93
C THR B 353 0.00 -34.20 23.58
N LEU B 354 0.36 -33.37 24.55
CA LEU B 354 1.43 -32.40 24.36
C LEU B 354 2.25 -32.20 25.63
N VAL B 355 3.56 -32.06 25.45
CA VAL B 355 4.47 -31.83 26.56
C VAL B 355 5.47 -30.74 26.14
N MET B 356 5.47 -29.65 26.89
CA MET B 356 6.33 -28.51 26.57
C MET B 356 7.68 -28.68 27.26
N LYS B 357 8.72 -28.92 26.46
CA LYS B 357 10.09 -29.08 26.98
C LYS B 357 10.51 -27.81 27.72
N LEU B 358 10.94 -27.99 28.98
CA LEU B 358 11.32 -26.87 29.83
C LEU B 358 12.62 -26.20 29.35
N GLU B 359 13.59 -27.03 28.96
CA GLU B 359 14.88 -26.52 28.47
C GLU B 359 14.79 -25.92 27.06
N ASP B 360 13.67 -26.14 26.37
CA ASP B 360 13.42 -25.48 25.09
C ASP B 360 13.43 -23.97 25.30
N GLU B 361 14.40 -23.31 24.66
CA GLU B 361 14.59 -21.86 24.80
C GLU B 361 13.34 -21.05 24.45
N THR B 362 12.52 -21.60 23.56
CA THR B 362 11.30 -20.96 23.11
C THR B 362 10.16 -21.06 24.13
N VAL B 363 10.14 -22.14 24.92
CA VAL B 363 9.13 -22.35 25.96
C VAL B 363 9.47 -21.59 27.24
N SER B 364 10.72 -21.72 27.69
CA SER B 364 11.17 -21.10 28.92
C SER B 364 10.91 -19.59 28.90
N GLY B 365 11.35 -18.94 27.82
CA GLY B 365 11.25 -17.48 27.71
C GLY B 365 9.86 -16.93 27.45
N THR B 366 8.94 -17.78 27.04
CA THR B 366 7.58 -17.35 26.70
C THR B 366 6.54 -17.72 27.78
N CYS B 367 6.86 -18.68 28.63
CA CYS B 367 5.93 -19.12 29.69
C CYS B 367 5.86 -18.09 30.82
N VAL B 368 4.63 -17.75 31.20
CA VAL B 368 4.37 -16.68 32.16
C VAL B 368 3.86 -17.22 33.50
N THR B 369 2.97 -18.21 33.42
CA THR B 369 2.49 -18.94 34.60
C THR B 369 2.26 -20.40 34.23
N ARG B 370 2.38 -21.30 35.20
CA ARG B 370 2.22 -22.74 34.95
C ARG B 370 1.75 -23.48 36.18
N ASP B 371 0.70 -24.30 36.00
CA ASP B 371 0.12 -25.12 37.07
C ASP B 371 -0.24 -24.30 38.33
N GLY B 372 -0.61 -23.04 38.13
CA GLY B 372 -1.00 -22.17 39.23
C GLY B 372 0.14 -21.52 39.99
N ALA B 373 1.16 -21.06 39.26
CA ALA B 373 2.27 -20.31 39.86
C ALA B 373 2.99 -19.49 38.80
N ILE B 374 3.21 -18.21 39.08
CA ILE B 374 3.91 -17.31 38.14
C ILE B 374 5.34 -17.82 37.93
N VAL B 375 5.72 -18.01 36.68
CA VAL B 375 7.01 -18.63 36.32
C VAL B 375 8.05 -17.62 35.84
N HIS B 376 7.62 -16.62 35.08
CA HIS B 376 8.57 -15.72 34.41
C HIS B 376 9.39 -14.91 35.41
N PRO B 377 10.74 -14.92 35.28
CA PRO B 377 11.64 -14.19 36.16
C PRO B 377 11.19 -12.76 36.47
N ALA B 378 10.75 -12.03 35.43
CA ALA B 378 10.44 -10.61 35.55
C ALA B 378 9.01 -10.30 36.04
N LEU B 379 8.42 -11.23 36.81
CA LEU B 379 7.09 -11.03 37.37
C LEU B 379 7.08 -11.42 38.86
N SER C 30 41.65 -22.04 3.03
CA SER C 30 41.14 -23.34 2.50
C SER C 30 39.88 -23.17 1.66
N VAL C 31 39.78 -22.06 0.92
CA VAL C 31 38.56 -21.68 0.22
C VAL C 31 38.80 -21.48 -1.28
N LYS C 32 37.99 -22.15 -2.11
CA LYS C 32 38.10 -22.00 -3.56
C LYS C 32 37.47 -20.68 -4.02
N ALA C 33 38.32 -19.69 -4.30
CA ALA C 33 37.88 -18.39 -4.79
C ALA C 33 37.60 -18.43 -6.30
N GLY C 34 37.15 -17.31 -6.86
CA GLY C 34 36.86 -17.23 -8.29
C GLY C 34 36.45 -15.87 -8.79
N SER C 35 36.63 -15.65 -10.09
CA SER C 35 36.32 -14.37 -10.73
C SER C 35 34.98 -14.41 -11.46
N ALA C 36 34.60 -13.28 -12.09
CA ALA C 36 33.36 -13.17 -12.83
C ALA C 36 33.36 -14.00 -14.11
N GLU C 37 34.51 -14.05 -14.79
CA GLU C 37 34.67 -14.90 -15.97
C GLU C 37 34.60 -16.37 -15.59
N ASP C 38 35.15 -16.71 -14.43
CA ASP C 38 35.05 -18.06 -13.88
C ASP C 38 33.60 -18.53 -13.82
N ALA C 39 32.76 -17.71 -13.17
CA ALA C 39 31.34 -18.04 -12.98
C ALA C 39 30.50 -17.93 -14.25
N ALA C 40 30.98 -17.16 -15.23
CA ALA C 40 30.32 -17.04 -16.51
C ALA C 40 30.32 -18.36 -17.26
N PHE C 41 31.48 -19.03 -17.31
CA PHE C 41 31.63 -20.31 -17.99
C PHE C 41 30.68 -21.38 -17.45
N ILE C 42 30.47 -21.35 -16.13
CA ILE C 42 29.72 -22.39 -15.42
C ILE C 42 28.22 -22.33 -15.68
N MET C 43 27.65 -21.13 -15.67
CA MET C 43 26.21 -20.95 -15.84
C MET C 43 25.77 -20.95 -17.30
N LYS C 44 26.67 -20.57 -18.21
CA LYS C 44 26.45 -20.73 -19.64
C LYS C 44 26.32 -22.22 -19.99
N ASN C 45 27.19 -23.03 -19.42
CA ASN C 45 27.18 -24.49 -19.63
C ASN C 45 26.38 -25.21 -18.55
N ALA C 46 25.15 -24.74 -18.32
CA ALA C 46 24.27 -25.30 -17.29
C ALA C 46 22.86 -25.49 -17.84
N SER C 47 22.23 -26.59 -17.45
CA SER C 47 20.87 -26.90 -17.88
C SER C 47 19.84 -26.19 -17.02
N LYS C 48 20.14 -26.03 -15.73
CA LYS C 48 19.21 -25.43 -14.78
C LYS C 48 19.94 -24.62 -13.71
N VAL C 49 19.58 -23.35 -13.59
CA VAL C 49 20.10 -22.47 -12.54
C VAL C 49 18.96 -22.11 -11.58
N ILE C 50 19.27 -22.02 -10.30
CA ILE C 50 18.33 -21.41 -9.34
C ILE C 50 19.03 -20.31 -8.56
N ILE C 51 18.53 -19.09 -8.76
CA ILE C 51 19.06 -17.90 -8.11
C ILE C 51 18.55 -17.87 -6.67
N VAL C 52 19.48 -17.74 -5.73
CA VAL C 52 19.15 -17.62 -4.32
C VAL C 52 19.58 -16.24 -3.86
N PRO C 53 18.67 -15.26 -3.93
CA PRO C 53 18.98 -13.91 -3.48
C PRO C 53 18.87 -13.76 -1.96
N GLY C 54 19.60 -12.80 -1.41
CA GLY C 54 19.59 -12.53 0.04
C GLY C 54 19.85 -11.07 0.36
N TYR C 55 20.25 -10.80 1.61
CA TYR C 55 20.43 -9.43 2.09
C TYR C 55 21.50 -8.66 1.32
N GLY C 56 22.58 -9.33 0.93
CA GLY C 56 23.65 -8.70 0.16
C GLY C 56 23.19 -8.17 -1.20
N MET C 57 22.24 -8.86 -1.80
CA MET C 57 21.68 -8.48 -3.09
C MET C 57 20.91 -7.17 -2.95
N ALA C 58 20.24 -7.01 -1.81
CA ALA C 58 19.50 -5.80 -1.51
C ALA C 58 20.42 -4.62 -1.23
N VAL C 59 21.46 -4.85 -0.43
CA VAL C 59 22.43 -3.81 -0.07
C VAL C 59 23.06 -3.20 -1.33
N ALA C 60 23.55 -4.06 -2.20
CA ALA C 60 24.18 -3.64 -3.45
C ALA C 60 23.18 -3.10 -4.47
N GLN C 61 21.90 -3.38 -4.26
CA GLN C 61 20.83 -2.91 -5.13
C GLN C 61 21.03 -3.54 -6.51
N ALA C 62 21.32 -4.83 -6.50
CA ALA C 62 21.80 -5.56 -7.67
C ALA C 62 20.70 -6.43 -8.29
N GLN C 63 19.46 -5.96 -8.25
CA GLN C 63 18.31 -6.78 -8.61
C GLN C 63 17.96 -6.58 -10.08
N HIS C 64 18.21 -5.38 -10.58
CA HIS C 64 18.08 -5.10 -12.00
C HIS C 64 19.20 -5.80 -12.78
N ALA C 65 20.39 -5.85 -12.20
CA ALA C 65 21.51 -6.59 -12.80
C ALA C 65 21.30 -8.11 -12.70
N LEU C 66 20.64 -8.56 -11.64
CA LEU C 66 20.38 -9.99 -11.44
C LEU C 66 19.38 -10.54 -12.46
N ARG C 67 18.27 -9.83 -12.66
CA ARG C 67 17.25 -10.25 -13.61
C ARG C 67 17.74 -10.11 -15.06
N GLU C 68 18.81 -9.35 -15.25
CA GLU C 68 19.49 -9.30 -16.55
C GLU C 68 20.23 -10.61 -16.79
N MET C 69 21.06 -11.00 -15.82
CA MET C 69 21.73 -12.30 -15.85
C MET C 69 20.71 -13.44 -15.97
N ALA C 70 19.52 -13.25 -15.41
CA ALA C 70 18.45 -14.23 -15.52
C ALA C 70 18.00 -14.43 -16.95
N ASP C 71 17.59 -13.35 -17.63
CA ASP C 71 16.99 -13.49 -18.97
C ASP C 71 17.99 -13.43 -20.14
N VAL C 72 19.29 -13.47 -19.84
CA VAL C 72 20.31 -13.85 -20.84
C VAL C 72 20.43 -15.37 -20.81
N LEU C 73 20.30 -15.95 -19.62
CA LEU C 73 20.25 -17.41 -19.46
C LEU C 73 18.97 -18.02 -20.02
N LYS C 74 17.83 -17.36 -19.78
CA LYS C 74 16.55 -17.84 -20.30
C LYS C 74 16.50 -17.72 -21.82
N LYS C 75 17.15 -16.69 -22.36
CA LYS C 75 17.20 -16.47 -23.82
C LYS C 75 17.89 -17.63 -24.55
N GLU C 76 18.98 -18.13 -23.98
CA GLU C 76 19.71 -19.26 -24.58
C GLU C 76 19.11 -20.63 -24.24
N GLY C 77 18.04 -20.64 -23.43
CA GLY C 77 17.26 -21.85 -23.18
C GLY C 77 17.31 -22.39 -21.76
N VAL C 78 18.21 -21.84 -20.93
CA VAL C 78 18.45 -22.38 -19.59
C VAL C 78 17.26 -22.14 -18.66
N GLU C 79 16.94 -23.14 -17.84
CA GLU C 79 15.83 -23.05 -16.88
C GLU C 79 16.27 -22.25 -15.66
N VAL C 80 15.60 -21.12 -15.43
CA VAL C 80 15.90 -20.25 -14.29
C VAL C 80 14.69 -20.09 -13.37
N SER C 81 14.95 -20.16 -12.08
CA SER C 81 13.95 -19.88 -11.06
C SER C 81 14.61 -19.19 -9.86
N TYR C 82 13.79 -18.60 -8.99
CA TYR C 82 14.29 -17.92 -7.79
C TYR C 82 13.80 -18.66 -6.55
N ALA C 83 14.71 -18.90 -5.62
CA ALA C 83 14.38 -19.54 -4.35
C ALA C 83 14.43 -18.51 -3.23
N ILE C 84 13.26 -18.16 -2.70
CA ILE C 84 13.17 -17.14 -1.65
C ILE C 84 12.95 -17.80 -0.29
N HIS C 85 13.93 -17.65 0.60
CA HIS C 85 13.80 -18.10 1.98
C HIS C 85 12.84 -17.16 2.72
N PRO C 86 12.00 -17.71 3.60
CA PRO C 86 11.10 -16.91 4.44
C PRO C 86 11.75 -15.66 5.08
N VAL C 87 12.99 -15.82 5.56
CA VAL C 87 13.68 -14.76 6.28
C VAL C 87 14.94 -14.25 5.56
N ALA C 88 14.91 -14.23 4.23
CA ALA C 88 15.97 -13.58 3.46
C ALA C 88 15.85 -12.07 3.60
N GLY C 89 16.98 -11.37 3.53
CA GLY C 89 17.01 -9.92 3.73
C GLY C 89 16.94 -9.56 5.21
N ARG C 90 16.36 -8.39 5.51
CA ARG C 90 16.21 -7.92 6.89
C ARG C 90 14.76 -7.56 7.21
N MET C 91 13.82 -8.15 6.48
CA MET C 91 12.41 -7.91 6.70
C MET C 91 11.59 -8.97 5.94
N PRO C 92 10.33 -9.16 6.34
CA PRO C 92 9.46 -10.02 5.54
C PRO C 92 9.25 -9.46 4.13
N GLY C 93 9.53 -10.28 3.12
CA GLY C 93 9.38 -9.88 1.72
C GLY C 93 10.43 -8.91 1.21
N HIS C 94 11.61 -8.88 1.84
CA HIS C 94 12.69 -8.01 1.36
C HIS C 94 13.03 -8.33 -0.09
N MET C 95 13.24 -9.61 -0.37
CA MET C 95 13.55 -10.08 -1.72
C MET C 95 12.42 -9.79 -2.73
N ASN C 96 11.18 -10.06 -2.33
CA ASN C 96 10.02 -9.89 -3.21
C ASN C 96 9.86 -8.49 -3.80
N VAL C 97 9.90 -7.47 -2.95
CA VAL C 97 9.69 -6.10 -3.40
C VAL C 97 10.78 -5.64 -4.38
N LEU C 98 12.01 -6.09 -4.15
CA LEU C 98 13.13 -5.69 -5.00
C LEU C 98 13.14 -6.43 -6.34
N LEU C 99 12.79 -7.71 -6.31
CA LEU C 99 12.59 -8.47 -7.55
C LEU C 99 11.39 -7.91 -8.32
N ALA C 100 10.34 -7.52 -7.60
CA ALA C 100 9.17 -6.89 -8.21
C ALA C 100 9.53 -5.57 -8.89
N GLU C 101 10.45 -4.81 -8.29
CA GLU C 101 10.95 -3.57 -8.91
C GLU C 101 11.66 -3.87 -10.23
N ALA C 102 12.44 -4.96 -10.25
CA ALA C 102 13.21 -5.37 -11.43
C ALA C 102 12.39 -6.15 -12.48
N ASN C 103 11.08 -6.26 -12.26
CA ASN C 103 10.16 -6.94 -13.18
C ASN C 103 10.47 -8.42 -13.40
N VAL C 104 10.90 -9.13 -12.35
CA VAL C 104 11.00 -10.59 -12.46
C VAL C 104 9.58 -11.09 -12.24
N PRO C 105 9.06 -11.91 -13.18
CA PRO C 105 7.65 -12.30 -13.09
C PRO C 105 7.40 -13.26 -11.92
N TYR C 106 6.20 -13.19 -11.35
CA TYR C 106 5.85 -13.99 -10.17
C TYR C 106 6.00 -15.50 -10.40
N ASP C 107 5.74 -15.96 -11.63
CA ASP C 107 5.83 -17.39 -11.95
C ASP C 107 7.22 -18.00 -11.80
N GLU C 108 8.27 -17.18 -11.89
CA GLU C 108 9.65 -17.66 -11.71
C GLU C 108 10.09 -17.69 -10.24
N VAL C 109 9.35 -16.99 -9.38
CA VAL C 109 9.72 -16.86 -7.96
C VAL C 109 9.02 -17.92 -7.12
N PHE C 110 9.80 -18.63 -6.29
CA PHE C 110 9.30 -19.78 -5.54
C PHE C 110 9.72 -19.75 -4.07
N GLU C 111 8.82 -20.19 -3.19
CA GLU C 111 9.06 -20.23 -1.75
C GLU C 111 9.80 -21.51 -1.35
N LEU C 112 10.41 -21.50 -0.16
CA LEU C 112 11.31 -22.56 0.28
C LEU C 112 10.72 -23.96 0.14
N GLU C 113 9.56 -24.17 0.76
CA GLU C 113 8.94 -25.49 0.83
C GLU C 113 8.58 -26.04 -0.54
N GLU C 114 8.37 -25.15 -1.51
CA GLU C 114 7.92 -25.52 -2.85
C GLU C 114 9.08 -25.68 -3.85
N ILE C 115 10.31 -25.35 -3.43
CA ILE C 115 11.47 -25.40 -4.34
C ILE C 115 12.70 -26.19 -3.86
N ASN C 116 12.70 -26.67 -2.62
CA ASN C 116 13.88 -27.35 -2.05
C ASN C 116 14.28 -28.68 -2.73
N SER C 117 13.31 -29.32 -3.37
CA SER C 117 13.55 -30.56 -4.09
C SER C 117 14.28 -30.33 -5.41
N SER C 118 14.09 -29.16 -6.01
CA SER C 118 14.65 -28.85 -7.32
C SER C 118 16.17 -28.75 -7.34
N PHE C 119 16.77 -28.45 -6.19
CA PHE C 119 18.23 -28.33 -6.08
C PHE C 119 18.95 -29.59 -6.55
N GLN C 120 18.38 -30.76 -6.27
CA GLN C 120 18.89 -32.04 -6.79
C GLN C 120 19.04 -32.01 -8.31
N THR C 121 18.00 -31.54 -9.00
CA THR C 121 17.98 -31.48 -10.46
C THR C 121 18.44 -30.11 -10.99
N ALA C 122 19.45 -29.54 -10.35
CA ALA C 122 19.94 -28.20 -10.71
C ALA C 122 21.47 -28.19 -10.75
N ASP C 123 22.02 -27.75 -11.88
CA ASP C 123 23.47 -27.71 -12.07
C ASP C 123 24.14 -26.64 -11.21
N VAL C 124 23.43 -25.53 -10.99
CA VAL C 124 23.99 -24.37 -10.31
C VAL C 124 23.01 -23.67 -9.40
N ALA C 125 23.46 -23.38 -8.18
CA ALA C 125 22.72 -22.54 -7.24
C ALA C 125 23.45 -21.20 -7.10
N PHE C 126 23.01 -20.22 -7.89
CA PHE C 126 23.63 -18.89 -7.88
C PHE C 126 23.19 -18.12 -6.63
N VAL C 127 23.97 -18.26 -5.56
CA VAL C 127 23.66 -17.63 -4.28
C VAL C 127 24.22 -16.20 -4.24
N ILE C 128 23.37 -15.23 -4.56
CA ILE C 128 23.77 -13.82 -4.58
C ILE C 128 23.39 -13.11 -3.28
N GLY C 129 24.41 -12.82 -2.47
CA GLY C 129 24.22 -12.09 -1.22
C GLY C 129 23.43 -12.82 -0.15
N ALA C 130 23.44 -14.15 -0.17
CA ALA C 130 22.77 -14.96 0.85
C ALA C 130 23.77 -15.88 1.56
N ASN C 131 23.64 -15.97 2.88
CA ASN C 131 24.60 -16.72 3.70
C ASN C 131 23.86 -17.62 4.71
N ASP C 132 23.28 -17.02 5.74
CA ASP C 132 22.56 -17.76 6.79
C ASP C 132 21.48 -18.67 6.22
N VAL C 133 20.79 -18.16 5.20
CA VAL C 133 19.70 -18.87 4.53
C VAL C 133 20.12 -20.23 3.95
N THR C 134 21.39 -20.36 3.57
CA THR C 134 21.93 -21.59 2.99
C THR C 134 22.68 -22.48 3.98
N ASN C 135 23.16 -21.88 5.07
CA ASN C 135 24.02 -22.54 6.05
C ASN C 135 23.45 -23.88 6.54
N PRO C 136 24.16 -25.00 6.29
CA PRO C 136 23.69 -26.31 6.75
C PRO C 136 23.93 -26.59 8.24
N ALA C 137 24.53 -25.64 8.96
CA ALA C 137 24.71 -25.75 10.41
C ALA C 137 23.38 -25.76 11.17
N ALA C 138 22.29 -25.43 10.48
CA ALA C 138 20.95 -25.53 11.02
C ALA C 138 20.49 -26.98 11.25
N LYS C 139 21.23 -27.93 10.67
CA LYS C 139 20.93 -29.36 10.81
C LYS C 139 22.17 -30.24 11.08
N THR C 140 23.30 -29.61 11.41
CA THR C 140 24.54 -30.34 11.75
C THR C 140 25.28 -29.69 12.92
N ASP C 141 24.54 -28.97 13.78
CA ASP C 141 25.15 -28.28 14.91
C ASP C 141 24.08 -27.85 15.93
N PRO C 142 23.64 -28.80 16.78
CA PRO C 142 22.72 -28.52 17.89
C PRO C 142 23.10 -27.33 18.77
N SER C 143 24.40 -27.07 18.93
CA SER C 143 24.87 -25.94 19.75
C SER C 143 24.67 -24.59 19.06
N SER C 144 24.76 -24.58 17.73
CA SER C 144 24.63 -23.34 16.94
C SER C 144 23.26 -22.69 17.13
N PRO C 145 23.20 -21.34 17.13
CA PRO C 145 21.92 -20.63 17.29
C PRO C 145 21.00 -20.71 16.07
N ILE C 146 21.58 -20.91 14.89
CA ILE C 146 20.82 -21.04 13.64
C ILE C 146 20.08 -22.39 13.55
N TYR C 147 20.44 -23.33 14.43
CA TYR C 147 19.82 -24.66 14.51
C TYR C 147 18.29 -24.59 14.56
N GLY C 148 17.64 -25.55 13.92
CA GLY C 148 16.17 -25.63 13.90
C GLY C 148 15.53 -25.02 12.67
N MET C 149 16.04 -23.87 12.24
CA MET C 149 15.49 -23.15 11.09
C MET C 149 15.67 -23.95 9.80
N PRO C 150 14.59 -24.08 9.00
CA PRO C 150 14.70 -24.76 7.71
C PRO C 150 15.43 -23.90 6.69
N ILE C 151 16.35 -24.51 5.94
CA ILE C 151 17.23 -23.78 5.03
C ILE C 151 17.06 -24.25 3.58
N LEU C 152 17.65 -23.49 2.65
CA LEU C 152 17.68 -23.87 1.25
C LEU C 152 18.85 -24.83 1.01
N ASP C 153 18.55 -26.01 0.47
CA ASP C 153 19.56 -27.04 0.22
C ASP C 153 20.35 -26.72 -1.05
N VAL C 154 21.18 -25.69 -0.99
CA VAL C 154 22.00 -25.27 -2.13
C VAL C 154 23.10 -26.29 -2.41
N GLU C 155 23.49 -27.05 -1.39
CA GLU C 155 24.51 -28.09 -1.50
C GLU C 155 24.10 -29.25 -2.42
N LYS C 156 22.78 -29.49 -2.53
CA LYS C 156 22.26 -30.56 -3.40
C LYS C 156 22.45 -30.28 -4.89
N ALA C 157 22.78 -29.03 -5.24
CA ALA C 157 23.09 -28.67 -6.63
C ALA C 157 24.54 -28.98 -6.97
N GLY C 158 24.81 -29.22 -8.25
CA GLY C 158 26.13 -29.59 -8.76
C GLY C 158 27.25 -28.72 -8.20
N THR C 159 27.16 -27.42 -8.45
CA THR C 159 28.09 -26.46 -7.83
C THR C 159 27.33 -25.20 -7.38
N VAL C 160 27.97 -24.44 -6.49
CA VAL C 160 27.31 -23.32 -5.81
C VAL C 160 28.17 -22.06 -5.91
N LEU C 161 27.63 -21.02 -6.53
CA LEU C 161 28.29 -19.71 -6.56
C LEU C 161 27.82 -18.88 -5.36
N PHE C 162 28.76 -18.13 -4.78
CA PHE C 162 28.57 -17.43 -3.51
C PHE C 162 29.12 -16.01 -3.62
N ILE C 163 28.27 -15.05 -3.97
CA ILE C 163 28.72 -13.67 -4.11
C ILE C 163 28.61 -12.93 -2.77
N LYS C 164 29.77 -12.58 -2.21
CA LYS C 164 29.83 -11.73 -1.01
C LYS C 164 31.20 -11.09 -0.90
N ARG C 165 31.22 -9.83 -0.46
CA ARG C 165 32.44 -9.00 -0.45
C ARG C 165 33.65 -9.67 0.22
N SER C 166 33.42 -10.42 1.31
CA SER C 166 34.51 -10.97 2.11
C SER C 166 34.18 -12.38 2.60
N MET C 167 34.86 -12.82 3.66
CA MET C 167 34.55 -14.09 4.34
C MET C 167 33.75 -13.87 5.62
N ALA C 168 33.22 -12.66 5.79
CA ALA C 168 32.46 -12.30 6.98
C ALA C 168 31.17 -13.11 7.07
N SER C 169 30.73 -13.36 8.29
CA SER C 169 29.50 -14.11 8.53
C SER C 169 28.27 -13.25 8.24
N GLY C 170 27.10 -13.88 8.26
CA GLY C 170 25.85 -13.18 8.01
C GLY C 170 25.35 -12.43 9.23
N TYR C 171 24.03 -12.38 9.38
CA TYR C 171 23.40 -11.75 10.53
C TYR C 171 23.70 -12.52 11.82
N ALA C 172 23.56 -13.83 11.76
CA ALA C 172 23.68 -14.69 12.95
C ALA C 172 25.11 -14.88 13.44
N GLY C 173 26.10 -14.43 12.67
CA GLY C 173 27.48 -14.43 13.12
C GLY C 173 28.07 -15.81 13.32
N VAL C 174 27.90 -16.66 12.31
CA VAL C 174 28.44 -18.03 12.35
C VAL C 174 29.13 -18.36 11.03
N GLU C 175 30.20 -19.15 11.11
CA GLU C 175 30.90 -19.64 9.93
C GLU C 175 30.00 -20.59 9.15
N ASN C 176 30.09 -20.53 7.82
CA ASN C 176 29.33 -21.43 6.96
C ASN C 176 30.19 -22.64 6.61
N GLU C 177 29.64 -23.84 6.79
CA GLU C 177 30.32 -25.09 6.42
C GLU C 177 30.52 -25.12 4.90
N LEU C 178 29.50 -24.67 4.18
CA LEU C 178 29.53 -24.61 2.71
C LEU C 178 30.68 -23.76 2.16
N PHE C 179 31.03 -22.69 2.88
CA PHE C 179 32.06 -21.76 2.40
C PHE C 179 33.29 -22.47 1.85
N PHE C 180 33.76 -23.50 2.56
CA PHE C 180 34.89 -24.29 2.09
C PHE C 180 34.53 -25.78 1.89
N ARG C 181 34.27 -26.14 0.63
CA ARG C 181 34.19 -27.54 0.19
C ARG C 181 34.03 -27.59 -1.34
N ASN C 182 34.59 -28.64 -1.96
CA ASN C 182 34.76 -28.71 -3.42
C ASN C 182 33.58 -28.28 -4.32
N ASN C 183 32.35 -28.42 -3.84
CA ASN C 183 31.18 -28.04 -4.64
C ASN C 183 30.80 -26.55 -4.53
N THR C 184 31.72 -25.71 -4.06
CA THR C 184 31.43 -24.31 -3.76
C THR C 184 32.51 -23.39 -4.33
N MET C 185 32.11 -22.16 -4.69
CA MET C 185 33.04 -21.16 -5.20
C MET C 185 32.68 -19.74 -4.72
N MET C 186 33.66 -19.05 -4.16
CA MET C 186 33.46 -17.72 -3.57
C MET C 186 33.84 -16.60 -4.54
N LEU C 187 32.84 -15.91 -5.09
CA LEU C 187 33.06 -14.73 -5.91
C LEU C 187 33.15 -13.49 -5.01
N PHE C 188 34.36 -13.08 -4.67
CA PHE C 188 34.57 -11.98 -3.72
C PHE C 188 34.33 -10.60 -4.33
N GLY C 189 33.33 -9.89 -3.81
CA GLY C 189 33.08 -8.51 -4.19
C GLY C 189 31.66 -8.03 -4.00
N ASP C 190 31.37 -6.86 -4.58
CA ASP C 190 30.03 -6.28 -4.55
C ASP C 190 29.09 -7.09 -5.42
N ALA C 191 27.83 -7.19 -5.01
CA ALA C 191 26.85 -8.03 -5.73
C ALA C 191 26.36 -7.41 -7.03
N LYS C 192 26.37 -6.08 -7.13
CA LYS C 192 25.95 -5.39 -8.34
C LYS C 192 27.07 -5.38 -9.39
N LYS C 193 28.29 -5.10 -8.94
CA LYS C 193 29.44 -5.05 -9.84
C LYS C 193 29.82 -6.45 -10.33
N MET C 194 29.78 -7.44 -9.44
CA MET C 194 30.08 -8.83 -9.82
C MET C 194 29.07 -9.38 -10.81
N THR C 195 27.79 -9.08 -10.60
CA THR C 195 26.72 -9.60 -11.46
C THR C 195 26.68 -8.86 -12.80
N GLU C 196 27.03 -7.58 -12.79
CA GLU C 196 27.20 -6.82 -14.03
C GLU C 196 28.39 -7.33 -14.84
N GLN C 197 29.45 -7.72 -14.14
CA GLN C 197 30.64 -8.29 -14.77
C GLN C 197 30.40 -9.70 -15.33
N ILE C 198 29.42 -10.41 -14.76
CA ILE C 198 29.05 -11.75 -15.22
C ILE C 198 28.18 -11.67 -16.49
N VAL C 199 27.34 -10.64 -16.60
CA VAL C 199 26.53 -10.42 -17.80
C VAL C 199 27.43 -10.07 -18.99
N GLN C 200 28.46 -9.27 -18.73
CA GLN C 200 29.43 -8.90 -19.77
C GLN C 200 30.21 -10.10 -20.30
N ALA C 201 30.59 -11.00 -19.40
CA ALA C 201 31.31 -12.23 -19.78
C ALA C 201 30.44 -13.15 -20.64
N MET C 202 29.12 -13.07 -20.45
CA MET C 202 28.17 -13.79 -21.29
C MET C 202 27.80 -12.91 -22.49
N ASN C 203 27.00 -13.47 -23.40
CA ASN C 203 26.49 -12.75 -24.56
C ASN C 203 24.98 -12.90 -24.67
PA NAD D . -13.72 7.45 -21.36
O1A NAD D . -13.57 8.17 -20.04
O2A NAD D . -14.64 8.00 -22.42
O5B NAD D . -14.13 5.92 -21.07
C5B NAD D . -13.26 5.07 -20.34
C4B NAD D . -12.99 3.74 -21.05
O4B NAD D . -14.14 2.89 -20.94
C3B NAD D . -12.68 3.83 -22.54
O3B NAD D . -11.35 3.42 -22.78
C2B NAD D . -13.65 2.89 -23.21
O2B NAD D . -13.03 2.16 -24.25
C1B NAD D . -14.11 2.00 -22.06
N9A NAD D . -15.43 1.36 -22.27
C8A NAD D . -16.61 1.95 -22.59
N7A NAD D . -17.64 1.04 -22.69
C5A NAD D . -17.12 -0.18 -22.41
C6A NAD D . -17.54 -1.60 -22.31
N6A NAD D . -18.83 -1.95 -22.54
N1A NAD D . -16.62 -2.54 -22.00
C2A NAD D . -15.32 -2.26 -21.76
N3A NAD D . -14.83 -1.02 -21.82
C4A NAD D . -15.72 0.06 -22.15
O3 NAD D . -12.27 7.19 -22.01
PN NAD D . -11.09 8.28 -22.00
O1N NAD D . -10.50 8.38 -20.62
O2N NAD D . -11.59 9.53 -22.70
O5D NAD D . -10.01 7.57 -22.96
C5D NAD D . -10.40 6.95 -24.19
C4D NAD D . -9.35 7.24 -25.25
O4D NAD D . -9.43 8.60 -25.65
C3D NAD D . -7.93 7.00 -24.74
O3D NAD D . -7.19 6.27 -25.71
C2D NAD D . -7.35 8.40 -24.56
O2D NAD D . -5.96 8.42 -24.80
C1D NAD D . -8.15 9.23 -25.55
N1N NAD D . -8.26 10.64 -25.13
C2N NAD D . -7.80 11.54 -25.93
C3N NAD D . -7.84 12.87 -25.69
C7N NAD D . -7.28 13.84 -26.65
O7N NAD D . -6.70 13.42 -27.64
N7N NAD D . -7.40 15.16 -26.49
C4N NAD D . -8.48 13.22 -24.37
C5N NAD D . -8.99 12.12 -23.52
C6N NAD D . -8.82 10.89 -23.99
PA NAD E . 10.69 -2.03 17.76
O1A NAD E . 9.21 -2.28 17.58
O2A NAD E . 11.33 -2.28 19.11
O5B NAD E . 10.96 -0.50 17.38
C5B NAD E . 11.00 -0.07 16.02
C4B NAD E . 12.25 0.75 15.79
O4B NAD E . 12.23 1.92 16.62
C3B NAD E . 13.55 0.04 16.15
O3B NAD E . 14.23 -0.36 14.96
C2B NAD E . 14.35 1.07 16.93
O2B NAD E . 15.70 1.18 16.46
C1B NAD E . 13.57 2.36 16.74
N9A NAD E . 13.70 3.33 17.85
C8A NAD E . 13.49 3.13 19.18
N7A NAD E . 13.67 4.28 19.91
C5A NAD E . 14.01 5.25 19.03
C6A NAD E . 14.36 6.69 19.02
N6A NAD E . 14.38 7.40 20.17
N1A NAD E . 14.64 7.30 17.84
C2A NAD E . 14.63 6.66 16.64
N3A NAD E . 14.33 5.35 16.54
C4A NAD E . 14.01 4.61 17.74
O3 NAD E . 11.52 -2.85 16.66
PN NAD E . 11.01 -4.27 16.11
O1N NAD E . 10.33 -4.06 14.78
O2N NAD E . 10.27 -5.00 17.21
O5D NAD E . 12.39 -5.06 15.85
C5D NAD E . 13.31 -5.24 16.92
C4D NAD E . 14.41 -6.20 16.49
O4D NAD E . 13.92 -7.53 16.26
C3D NAD E . 15.11 -5.76 15.20
O3D NAD E . 16.43 -5.31 15.47
C2D NAD E . 15.12 -7.00 14.32
O2D NAD E . 16.36 -7.21 13.68
C1D NAD E . 14.80 -8.13 15.30
N1N NAD E . 14.27 -9.27 14.54
C2N NAD E . 15.02 -10.31 14.52
C3N NAD E . 14.75 -11.41 13.79
C7N NAD E . 15.61 -12.60 13.74
O7N NAD E . 15.50 -13.39 12.81
N7N NAD E . 16.51 -12.85 14.71
C4N NAD E . 13.46 -11.31 13.01
C5N NAD E . 12.65 -10.07 13.12
C6N NAD E . 13.16 -9.13 13.91
C1 GOL F . -1.92 -5.42 18.76
O1 GOL F . -2.98 -4.52 18.95
C2 GOL F . -2.18 -6.71 19.52
O2 GOL F . -2.34 -6.43 20.89
C3 GOL F . -1.04 -7.74 19.37
O3 GOL F . -0.74 -8.11 18.04
PA NDP G . 22.87 -12.87 5.65
O1A NDP G . 23.17 -14.22 6.24
O2A NDP G . 22.29 -11.80 6.54
O5B NDP G . 24.21 -12.29 4.97
C5B NDP G . 24.26 -12.01 3.57
C4B NDP G . 25.71 -11.91 3.10
O4B NDP G . 25.79 -11.05 1.95
C3B NDP G . 26.62 -11.36 4.21
O3B NDP G . 27.43 -12.39 4.78
C2B NDP G . 27.47 -10.29 3.56
O2B NDP G . 28.79 -10.77 3.32
C1B NDP G . 26.74 -10.02 2.25
N9A NDP G . 26.76 -8.66 1.66
C8A NDP G . 26.49 -7.50 2.31
N7A NDP G . 26.59 -6.41 1.48
C5A NDP G . 26.92 -6.88 0.26
C6A NDP G . 27.20 -6.36 -1.10
N6A NDP G . 27.13 -5.03 -1.32
N1A NDP G . 27.51 -7.23 -2.10
C2A NDP G . 27.58 -8.57 -1.91
N3A NDP G . 27.35 -9.15 -0.71
C4A NDP G . 27.02 -8.32 0.41
O3 NDP G . 21.95 -13.02 4.33
PN NDP G . 20.52 -13.76 4.31
O1N NDP G . 20.69 -15.04 3.53
O2N NDP G . 19.48 -12.75 3.84
O5D NDP G . 20.28 -14.12 5.86
C5D NDP G . 19.07 -13.87 6.54
C4D NDP G . 19.35 -13.59 8.00
O4D NDP G . 18.78 -12.34 8.37
C3D NDP G . 18.75 -14.64 8.94
O3D NDP G . 19.67 -14.94 9.99
C2D NDP G . 17.52 -13.97 9.49
O2D NDP G . 17.11 -14.51 10.73
C1D NDP G . 18.03 -12.53 9.59
N1N NDP G . 16.95 -11.56 9.76
C2N NDP G . 15.95 -11.57 8.97
C3N NDP G . 14.92 -10.73 9.09
C7N NDP G . 13.79 -10.83 8.16
O7N NDP G . 12.67 -10.58 8.56
N7N NDP G . 14.02 -11.19 6.90
C4N NDP G . 14.90 -9.69 10.18
C5N NDP G . 16.16 -9.80 11.00
C6N NDP G . 17.07 -10.73 10.72
P2B NDP G . 30.02 -9.78 3.04
O1X NDP G . 31.22 -10.67 3.28
O2X NDP G . 29.81 -9.37 1.60
O3X NDP G . 29.86 -8.67 4.05
#